data_3OLZ
#
_entry.id   3OLZ
#
_cell.length_a   171.211
_cell.length_b   171.211
_cell.length_c   68.234
_cell.angle_alpha   90.00
_cell.angle_beta   90.00
_cell.angle_gamma   120.00
#
_symmetry.space_group_name_H-M   'P 61'
#
loop_
_entity.id
_entity.type
_entity.pdbx_description
1 polymer 'Glutamate receptor, ionotropic kainate 3'
2 non-polymer 2-acetamido-2-deoxy-beta-D-glucopyranose
3 non-polymer 'CHLORIDE ION'
4 water water
#
_entity_poly.entity_id   1
_entity_poly.type   'polypeptide(L)'
_entity_poly.pdbx_seq_one_letter_code
;MPHVIRIGGIFEYADGPNAQVMNAEEHAFRFSANIINRNRTLLPNTTLTYDIQRIHFHDSFEATKKACDQLALGVVAIFG
PSQGSCTNAVQSICNALEVPHIQLRWKHHPLDNKDTFYVNLYPDYASLSHAILDLVQSLKWRSATVVYDDSTGLIRLQEL
IMAPSRYNIRLKIRQLPIDSDDSRPLLKEMKRGREFRIIFDCSHTMAAQILKQAMAMGMMTEYYHFIFTTLDLYALDLEP
YRYSGVNLTGFRILNVDNPHVSAIVEKWSMERLQAAPRAESGLLDGVMMTDAALLYDAVHIVSVCYQRAPQMTVNSLQCH
RHKAWRFGGRFMNFIKEAQWEGLTGRIVFNKTSGLRTDFDLDIISLKEDGLEKVGVWSPADGLNITEVAKGRLELVPR
;
_entity_poly.pdbx_strand_id   A,B
#
loop_
_chem_comp.id
_chem_comp.type
_chem_comp.name
_chem_comp.formula
CL non-polymer 'CHLORIDE ION' 'Cl -1'
NAG D-saccharide, beta linking 2-acetamido-2-deoxy-beta-D-glucopyranose 'C8 H15 N O6'
#
# COMPACT_ATOMS: atom_id res chain seq x y z
N HIS A 3 -0.30 -8.63 41.61
CA HIS A 3 0.29 -9.00 40.32
C HIS A 3 0.17 -7.84 39.31
N VAL A 4 1.26 -7.57 38.61
CA VAL A 4 1.24 -6.50 37.60
C VAL A 4 1.52 -7.06 36.20
N ILE A 5 0.69 -6.68 35.24
CA ILE A 5 0.95 -7.06 33.86
C ILE A 5 1.09 -5.78 33.02
N ARG A 6 1.87 -5.83 31.94
CA ARG A 6 2.17 -4.62 31.18
C ARG A 6 1.87 -4.75 29.68
N ILE A 7 1.31 -3.70 29.10
CA ILE A 7 1.12 -3.65 27.64
C ILE A 7 1.85 -2.44 27.07
N GLY A 8 2.13 -2.50 25.77
CA GLY A 8 2.80 -1.42 25.08
C GLY A 8 1.91 -0.71 24.08
N GLY A 9 2.00 0.61 24.05
CA GLY A 9 1.30 1.39 23.05
C GLY A 9 2.28 2.30 22.32
N ILE A 10 2.16 2.37 21.01
CA ILE A 10 2.90 3.36 20.24
C ILE A 10 1.91 4.24 19.49
N PHE A 11 2.01 5.54 19.70
CA PHE A 11 1.08 6.46 19.06
C PHE A 11 1.82 7.51 18.25
N GLU A 12 1.26 7.89 17.12
CA GLU A 12 1.87 8.89 16.27
C GLU A 12 1.34 10.30 16.54
N TYR A 13 2.27 11.24 16.65
CA TYR A 13 1.94 12.62 16.96
C TYR A 13 2.66 13.51 15.99
N ALA A 14 2.02 14.60 15.59
CA ALA A 14 2.64 15.56 14.70
C ALA A 14 3.98 16.01 15.27
N ASP A 15 4.08 16.12 16.60
CA ASP A 15 5.32 16.57 17.24
C ASP A 15 6.21 15.43 17.75
N GLY A 16 5.83 14.20 17.46
CA GLY A 16 6.62 13.05 17.91
C GLY A 16 6.75 13.00 19.42
N PRO A 17 7.95 12.66 19.93
CA PRO A 17 8.20 12.56 21.37
C PRO A 17 7.96 13.86 22.10
N ASN A 18 7.99 14.98 21.38
CA ASN A 18 7.89 16.30 21.99
C ASN A 18 6.46 16.76 22.21
N ALA A 19 5.52 16.02 21.64
CA ALA A 19 4.11 16.36 21.80
C ALA A 19 3.79 16.48 23.27
N GLN A 20 3.07 17.53 23.64
CA GLN A 20 2.77 17.79 25.04
C GLN A 20 1.28 17.57 25.31
N VAL A 21 0.45 17.76 24.30
CA VAL A 21 -0.99 17.51 24.43
C VAL A 21 -1.39 16.16 23.84
N MET A 22 -2.06 15.36 24.66
CA MET A 22 -2.42 13.99 24.32
C MET A 22 -3.58 13.88 23.33
N ASN A 23 -3.41 13.02 22.33
CA ASN A 23 -4.44 12.77 21.31
C ASN A 23 -5.47 11.73 21.76
N ALA A 24 -6.55 11.61 21.01
CA ALA A 24 -7.67 10.77 21.41
C ALA A 24 -7.33 9.28 21.48
N GLU A 25 -6.46 8.80 20.60
CA GLU A 25 -6.06 7.40 20.62
C GLU A 25 -5.42 7.10 21.97
N GLU A 26 -4.31 7.78 22.24
CA GLU A 26 -3.58 7.60 23.47
C GLU A 26 -4.45 7.81 24.70
N HIS A 27 -5.37 8.78 24.65
CA HIS A 27 -6.21 9.00 25.80
C HIS A 27 -7.15 7.81 25.98
N ALA A 28 -7.77 7.36 24.90
CA ALA A 28 -8.63 6.17 24.96
C ALA A 28 -7.88 4.98 25.58
N PHE A 29 -6.61 4.85 25.21
CA PHE A 29 -5.75 3.81 25.75
C PHE A 29 -5.76 3.92 27.27
N ARG A 30 -5.28 5.05 27.77
CA ARG A 30 -5.14 5.27 29.21
C ARG A 30 -6.50 5.14 29.89
N PHE A 31 -7.54 5.59 29.21
CA PHE A 31 -8.92 5.50 29.68
C PHE A 31 -9.37 4.07 29.94
N SER A 32 -9.12 3.16 29.00
CA SER A 32 -9.59 1.79 29.13
C SER A 32 -8.78 0.99 30.18
N ALA A 33 -7.47 1.23 30.24
CA ALA A 33 -6.65 0.63 31.27
C ALA A 33 -7.19 0.98 32.65
N ASN A 34 -7.53 2.25 32.85
CA ASN A 34 -8.06 2.68 34.14
C ASN A 34 -9.40 2.00 34.48
N ILE A 35 -10.26 1.82 33.49
CA ILE A 35 -11.59 1.26 33.74
C ILE A 35 -11.47 -0.22 34.11
N ILE A 36 -10.59 -0.92 33.43
CA ILE A 36 -10.32 -2.32 33.72
C ILE A 36 -9.74 -2.48 35.15
N ASN A 37 -8.97 -1.50 35.57
CA ASN A 37 -8.40 -1.50 36.92
C ASN A 37 -9.38 -1.09 38.02
N ARG A 38 -10.52 -0.52 37.63
CA ARG A 38 -11.57 -0.22 38.59
C ARG A 38 -12.68 -1.25 38.48
N ASN A 39 -12.55 -2.15 37.51
CA ASN A 39 -13.53 -3.19 37.27
C ASN A 39 -13.22 -4.41 38.13
N ARG A 40 -14.20 -4.81 38.94
CA ARG A 40 -14.02 -5.83 39.97
C ARG A 40 -14.19 -7.24 39.40
N THR A 41 -14.76 -7.34 38.20
CA THR A 41 -15.02 -8.62 37.55
C THR A 41 -13.96 -9.00 36.52
N LEU A 42 -13.16 -8.01 36.12
CA LEU A 42 -12.14 -8.23 35.10
C LEU A 42 -10.76 -7.90 35.64
N LEU A 43 -9.90 -8.91 35.64
CA LEU A 43 -8.57 -8.84 36.26
C LEU A 43 -8.67 -8.25 37.66
N PRO A 44 -9.46 -8.89 38.52
CA PRO A 44 -9.73 -8.42 39.89
C PRO A 44 -8.48 -8.29 40.75
N ASN A 45 -7.49 -9.16 40.52
CA ASN A 45 -6.26 -9.20 41.33
C ASN A 45 -5.02 -8.78 40.57
N THR A 46 -5.19 -8.27 39.35
CA THR A 46 -4.07 -7.89 38.52
C THR A 46 -4.17 -6.42 38.14
N THR A 47 -3.08 -5.70 38.25
CA THR A 47 -3.07 -4.31 37.81
C THR A 47 -2.49 -4.21 36.42
N LEU A 48 -3.31 -3.75 35.49
CA LEU A 48 -2.92 -3.52 34.12
C LEU A 48 -2.17 -2.20 33.96
N THR A 49 -0.87 -2.27 33.66
CA THR A 49 -0.06 -1.08 33.48
C THR A 49 0.36 -0.98 32.01
N TYR A 50 0.97 0.13 31.62
CA TYR A 50 1.41 0.28 30.24
C TYR A 50 2.71 1.04 30.10
N ASP A 51 3.32 0.91 28.93
CA ASP A 51 4.38 1.79 28.52
C ASP A 51 3.90 2.48 27.25
N ILE A 52 3.86 3.80 27.27
CA ILE A 52 3.43 4.57 26.11
C ILE A 52 4.60 5.27 25.44
N GLN A 53 4.76 5.05 24.14
CA GLN A 53 5.79 5.76 23.37
C GLN A 53 5.21 6.68 22.30
N ARG A 54 5.70 7.93 22.27
CA ARG A 54 5.25 8.91 21.27
C ARG A 54 6.30 9.12 20.16
N ILE A 55 5.84 9.10 18.91
CA ILE A 55 6.73 9.14 17.76
C ILE A 55 6.13 9.95 16.62
N HIS A 56 6.98 10.43 15.72
CA HIS A 56 6.50 11.14 14.53
C HIS A 56 5.69 10.23 13.59
N PHE A 57 4.86 10.84 12.76
CA PHE A 57 4.13 10.12 11.73
C PHE A 57 5.08 9.62 10.65
N HIS A 58 4.81 8.44 10.11
CA HIS A 58 5.60 7.87 9.03
C HIS A 58 7.08 7.74 9.38
N ASP A 59 7.36 7.25 10.59
CA ASP A 59 8.73 6.96 10.97
C ASP A 59 8.84 5.50 11.43
N SER A 60 9.03 4.60 10.46
CA SER A 60 9.22 3.17 10.72
C SER A 60 10.41 2.87 11.64
N PHE A 61 11.57 3.45 11.32
CA PHE A 61 12.77 3.28 12.14
C PHE A 61 12.52 3.60 13.60
N GLU A 62 11.94 4.77 13.85
CA GLU A 62 11.58 5.19 15.20
C GLU A 62 10.59 4.18 15.80
N ALA A 63 9.64 3.75 14.98
CA ALA A 63 8.65 2.77 15.42
C ALA A 63 9.33 1.45 15.80
N THR A 64 10.41 1.12 15.09
CA THR A 64 11.14 -0.11 15.37
C THR A 64 11.86 0.05 16.70
N LYS A 65 12.57 1.17 16.84
CA LYS A 65 13.31 1.46 18.07
C LYS A 65 12.41 1.38 19.32
N LYS A 66 11.20 1.92 19.23
CA LYS A 66 10.33 1.94 20.41
C LYS A 66 9.71 0.56 20.65
N ALA A 67 9.42 -0.16 19.58
CA ALA A 67 8.86 -1.49 19.72
C ALA A 67 9.85 -2.41 20.42
N CYS A 68 11.14 -2.20 20.16
CA CYS A 68 12.19 -3.04 20.74
C CYS A 68 12.41 -2.70 22.21
N ASP A 69 12.42 -1.40 22.50
CA ASP A 69 12.46 -0.90 23.88
C ASP A 69 11.37 -1.54 24.72
N GLN A 70 10.14 -1.53 24.23
CA GLN A 70 9.02 -2.06 24.99
C GLN A 70 9.16 -3.56 25.16
N LEU A 71 9.72 -4.22 24.15
CA LEU A 71 9.91 -5.66 24.19
C LEU A 71 10.97 -6.02 25.21
N ALA A 72 11.97 -5.17 25.34
CA ALA A 72 13.04 -5.37 26.31
C ALA A 72 12.49 -5.14 27.71
N LEU A 73 11.54 -4.22 27.80
CA LEU A 73 10.88 -3.90 29.05
C LEU A 73 9.91 -5.02 29.44
N GLY A 74 9.48 -5.81 28.46
CA GLY A 74 8.57 -6.90 28.69
C GLY A 74 7.12 -6.45 28.63
N VAL A 75 6.41 -6.90 27.60
CA VAL A 75 4.99 -6.59 27.43
C VAL A 75 4.29 -7.82 26.90
N VAL A 76 2.97 -7.89 27.11
CA VAL A 76 2.17 -9.01 26.63
C VAL A 76 1.55 -8.74 25.26
N ALA A 77 1.59 -7.49 24.82
CA ALA A 77 1.07 -7.09 23.52
C ALA A 77 1.51 -5.67 23.22
N ILE A 78 1.56 -5.35 21.94
CA ILE A 78 1.93 -4.01 21.51
C ILE A 78 0.83 -3.50 20.60
N PHE A 79 0.15 -2.45 21.02
CA PHE A 79 -0.91 -1.84 20.24
C PHE A 79 -0.25 -0.89 19.27
N GLY A 80 0.09 -1.44 18.11
CA GLY A 80 1.02 -0.82 17.19
C GLY A 80 0.56 0.54 16.75
N PRO A 81 1.45 1.29 16.09
CA PRO A 81 1.19 2.64 15.57
C PRO A 81 0.04 2.67 14.56
N SER A 82 -0.62 3.82 14.47
CA SER A 82 -1.83 3.95 13.66
C SER A 82 -1.63 4.10 12.14
N GLN A 83 -0.41 4.32 11.68
CA GLN A 83 -0.21 4.47 10.24
C GLN A 83 -0.08 3.11 9.58
N GLY A 84 -0.06 3.09 8.25
CA GLY A 84 0.04 1.84 7.51
C GLY A 84 1.46 1.42 7.22
N SER A 85 2.36 2.40 7.11
CA SER A 85 3.76 2.14 6.82
C SER A 85 4.53 1.79 8.09
N CYS A 86 4.19 2.49 9.18
CA CYS A 86 4.81 2.27 10.49
C CYS A 86 4.36 0.96 11.12
N THR A 87 3.16 0.53 10.79
CA THR A 87 2.56 -0.64 11.41
C THR A 87 3.07 -1.93 10.79
N ASN A 88 3.49 -1.86 9.54
CA ASN A 88 3.99 -3.03 8.84
C ASN A 88 5.47 -3.29 9.16
N ALA A 89 6.02 -2.50 10.08
CA ALA A 89 7.36 -2.73 10.58
C ALA A 89 7.28 -3.35 11.97
N VAL A 90 6.37 -2.84 12.79
CA VAL A 90 6.13 -3.40 14.12
C VAL A 90 5.49 -4.77 13.97
N GLN A 91 4.72 -4.96 12.91
CA GLN A 91 4.06 -6.24 12.66
C GLN A 91 5.08 -7.34 12.46
N SER A 92 6.12 -7.05 11.68
CA SER A 92 7.19 -8.00 11.42
C SER A 92 7.93 -8.33 12.71
N ILE A 93 8.25 -7.31 13.49
CA ILE A 93 8.95 -7.51 14.75
C ILE A 93 8.14 -8.38 15.71
N CYS A 94 6.85 -8.11 15.82
CA CYS A 94 6.00 -8.88 16.70
C CYS A 94 5.92 -10.31 16.23
N ASN A 95 6.13 -10.52 14.93
CA ASN A 95 6.08 -11.86 14.39
C ASN A 95 7.37 -12.62 14.68
N ALA A 96 8.50 -11.92 14.66
CA ALA A 96 9.76 -12.53 15.01
C ALA A 96 9.80 -12.89 16.49
N LEU A 97 9.47 -11.94 17.34
CA LEU A 97 9.59 -12.13 18.78
C LEU A 97 8.34 -12.75 19.38
N GLU A 98 7.31 -12.94 18.56
CA GLU A 98 6.10 -13.66 18.96
C GLU A 98 5.33 -13.05 20.14
N VAL A 99 5.21 -11.73 20.13
CA VAL A 99 4.32 -11.05 21.05
C VAL A 99 3.19 -10.44 20.20
N PRO A 100 1.93 -10.61 20.63
CA PRO A 100 0.80 -10.15 19.81
C PRO A 100 0.88 -8.68 19.40
N HIS A 101 0.62 -8.42 18.13
CA HIS A 101 0.52 -7.05 17.62
C HIS A 101 -0.97 -6.75 17.43
N ILE A 102 -1.41 -5.59 17.90
CA ILE A 102 -2.82 -5.25 17.78
C ILE A 102 -2.99 -4.04 16.86
N GLN A 103 -3.82 -4.21 15.83
CA GLN A 103 -3.95 -3.19 14.79
C GLN A 103 -5.35 -2.59 14.83
N LEU A 104 -5.48 -1.29 14.58
CA LEU A 104 -6.76 -0.61 14.79
C LEU A 104 -7.34 -0.03 13.53
N ARG A 105 -6.54 0.03 12.47
CA ARG A 105 -6.95 0.70 11.26
C ARG A 105 -6.66 -0.22 10.11
N TRP A 106 -7.45 -0.13 9.06
CA TRP A 106 -7.22 -0.96 7.89
C TRP A 106 -5.79 -0.73 7.41
N LYS A 107 -5.11 -1.81 7.09
CA LYS A 107 -3.78 -1.75 6.52
C LYS A 107 -3.78 -2.81 5.44
N HIS A 108 -2.97 -2.63 4.41
CA HIS A 108 -2.83 -3.66 3.38
C HIS A 108 -2.09 -4.87 3.94
N HIS A 109 -2.71 -6.04 3.85
CA HIS A 109 -2.04 -7.29 4.22
C HIS A 109 -1.81 -8.12 2.97
N PRO A 110 -0.68 -7.89 2.29
CA PRO A 110 -0.35 -8.75 1.15
C PRO A 110 -0.52 -10.22 1.49
N LEU A 111 -1.20 -10.98 0.63
CA LEU A 111 -1.42 -12.39 0.88
C LEU A 111 -0.10 -13.12 1.03
N ASP A 112 0.86 -12.78 0.18
CA ASP A 112 2.17 -13.41 0.18
C ASP A 112 3.00 -13.04 1.41
N ASN A 113 2.40 -12.27 2.31
CA ASN A 113 3.03 -11.92 3.56
C ASN A 113 2.60 -12.92 4.64
N LYS A 114 3.55 -13.51 5.35
CA LYS A 114 3.26 -14.68 6.19
C LYS A 114 3.35 -14.44 7.69
N ASP A 115 3.24 -13.19 8.11
CA ASP A 115 3.10 -12.85 9.54
C ASP A 115 1.77 -13.37 10.07
N THR A 116 1.78 -13.90 11.29
CA THR A 116 0.54 -14.36 11.90
C THR A 116 0.33 -13.75 13.28
N PHE A 117 1.26 -12.95 13.76
CA PHE A 117 1.17 -12.47 15.12
C PHE A 117 0.47 -11.11 15.21
N TYR A 118 -0.77 -11.06 14.73
CA TYR A 118 -1.57 -9.86 14.81
C TYR A 118 -3.06 -10.14 14.59
N VAL A 119 -3.90 -9.29 15.16
CA VAL A 119 -5.29 -9.19 14.73
C VAL A 119 -5.52 -7.72 14.35
N ASN A 120 -6.63 -7.45 13.66
CA ASN A 120 -6.96 -6.10 13.24
C ASN A 120 -8.43 -5.79 13.51
N LEU A 121 -8.66 -4.76 14.32
CA LEU A 121 -10.00 -4.52 14.87
C LEU A 121 -10.88 -3.71 13.92
N TYR A 122 -10.29 -3.03 12.96
CA TYR A 122 -11.11 -2.27 12.02
C TYR A 122 -11.92 -3.22 11.13
N PRO A 123 -13.19 -2.91 10.90
CA PRO A 123 -13.98 -3.82 10.06
C PRO A 123 -13.38 -3.92 8.66
N ASP A 124 -13.23 -5.14 8.19
CA ASP A 124 -12.54 -5.38 6.95
C ASP A 124 -13.21 -4.67 5.76
N TYR A 125 -12.42 -4.03 4.90
CA TYR A 125 -12.97 -3.23 3.82
C TYR A 125 -13.65 -4.06 2.74
N ALA A 126 -13.28 -5.33 2.61
CA ALA A 126 -13.97 -6.19 1.66
C ALA A 126 -15.42 -6.31 2.08
N SER A 127 -15.66 -6.50 3.38
CA SER A 127 -17.02 -6.58 3.92
C SER A 127 -17.74 -5.25 3.79
N LEU A 128 -17.06 -4.16 4.14
CA LEU A 128 -17.64 -2.85 4.00
C LEU A 128 -18.09 -2.60 2.56
N SER A 129 -17.29 -3.02 1.59
CA SER A 129 -17.64 -2.82 0.19
C SER A 129 -18.94 -3.56 -0.13
N HIS A 130 -19.11 -4.73 0.48
CA HIS A 130 -20.31 -5.51 0.28
C HIS A 130 -21.50 -4.84 0.94
N ALA A 131 -21.30 -4.28 2.13
CA ALA A 131 -22.39 -3.60 2.81
C ALA A 131 -22.84 -2.37 2.01
N ILE A 132 -21.91 -1.72 1.31
CA ILE A 132 -22.24 -0.58 0.45
C ILE A 132 -23.01 -1.08 -0.76
N LEU A 133 -22.59 -2.20 -1.33
CA LEU A 133 -23.27 -2.73 -2.50
C LEU A 133 -24.70 -3.10 -2.18
N ASP A 134 -24.92 -3.72 -1.03
CA ASP A 134 -26.26 -4.13 -0.64
C ASP A 134 -27.14 -2.90 -0.45
N LEU A 135 -26.56 -1.82 0.07
CA LEU A 135 -27.27 -0.56 0.22
C LEU A 135 -27.66 0.00 -1.16
N VAL A 136 -26.69 0.09 -2.06
CA VAL A 136 -26.90 0.67 -3.38
C VAL A 136 -27.94 -0.13 -4.19
N GLN A 137 -27.88 -1.45 -4.14
CA GLN A 137 -28.83 -2.29 -4.85
C GLN A 137 -30.22 -2.08 -4.26
N SER A 138 -30.25 -1.78 -2.96
CA SER A 138 -31.50 -1.55 -2.25
C SER A 138 -32.10 -0.17 -2.57
N LEU A 139 -31.26 0.81 -2.87
CA LEU A 139 -31.72 2.12 -3.29
C LEU A 139 -32.07 2.13 -4.79
N LYS A 140 -31.77 1.01 -5.45
CA LYS A 140 -32.11 0.83 -6.86
C LYS A 140 -31.17 1.58 -7.82
N TRP A 141 -30.15 2.27 -7.29
CA TRP A 141 -29.20 2.99 -8.14
C TRP A 141 -28.74 2.15 -9.33
N ARG A 142 -28.83 2.72 -10.53
CA ARG A 142 -28.31 2.06 -11.72
C ARG A 142 -26.98 2.66 -12.14
N SER A 143 -26.68 3.87 -11.65
CA SER A 143 -25.36 4.46 -11.81
C SER A 143 -25.00 5.21 -10.55
N ALA A 144 -23.72 5.56 -10.42
CA ALA A 144 -23.25 6.25 -9.23
C ALA A 144 -21.77 6.56 -9.39
N THR A 145 -21.29 7.53 -8.64
CA THR A 145 -19.89 7.88 -8.68
C THR A 145 -19.24 7.49 -7.37
N VAL A 146 -17.98 7.11 -7.45
CA VAL A 146 -17.22 6.77 -6.26
C VAL A 146 -16.12 7.82 -6.17
N VAL A 147 -16.12 8.57 -5.09
CA VAL A 147 -15.10 9.57 -4.83
C VAL A 147 -14.27 9.11 -3.65
N TYR A 148 -12.98 8.86 -3.87
CA TYR A 148 -12.08 8.43 -2.79
C TYR A 148 -10.98 9.47 -2.58
N ASP A 149 -10.26 9.36 -1.48
CA ASP A 149 -9.35 10.42 -1.06
C ASP A 149 -7.89 10.17 -1.44
N ASP A 150 -7.28 9.17 -0.82
CA ASP A 150 -5.87 8.87 -1.09
C ASP A 150 -5.74 7.62 -1.94
N SER A 151 -4.55 7.39 -2.48
CA SER A 151 -4.33 6.35 -3.47
C SER A 151 -4.86 5.01 -2.98
N THR A 152 -4.99 4.87 -1.67
CA THR A 152 -5.35 3.60 -1.06
C THR A 152 -6.80 3.20 -1.25
N GLY A 153 -7.65 4.16 -1.56
CA GLY A 153 -9.07 3.90 -1.62
C GLY A 153 -9.44 2.81 -2.61
N LEU A 154 -8.76 2.79 -3.77
CA LEU A 154 -9.03 1.76 -4.76
C LEU A 154 -8.82 0.34 -4.23
N ILE A 155 -7.79 0.16 -3.41
CA ILE A 155 -7.50 -1.14 -2.83
C ILE A 155 -8.57 -1.50 -1.81
N ARG A 156 -8.96 -0.51 -1.02
CA ARG A 156 -10.00 -0.72 -0.01
C ARG A 156 -11.35 -0.98 -0.67
N LEU A 157 -11.57 -0.39 -1.84
CA LEU A 157 -12.88 -0.45 -2.47
C LEU A 157 -12.91 -1.42 -3.63
N GLN A 158 -11.91 -2.29 -3.75
CA GLN A 158 -11.88 -3.14 -4.92
C GLN A 158 -13.17 -3.96 -5.09
N GLU A 159 -13.67 -4.53 -4.00
CA GLU A 159 -14.93 -5.29 -4.06
C GLU A 159 -16.08 -4.45 -4.58
N LEU A 160 -15.99 -3.14 -4.39
CA LEU A 160 -17.05 -2.25 -4.87
C LEU A 160 -16.82 -1.81 -6.32
N ILE A 161 -15.56 -1.57 -6.68
CA ILE A 161 -15.20 -1.09 -8.02
C ILE A 161 -15.49 -2.15 -9.09
N MET A 162 -15.43 -3.41 -8.69
CA MET A 162 -15.70 -4.52 -9.60
C MET A 162 -17.18 -4.87 -9.54
N ALA A 163 -18.02 -3.84 -9.49
CA ALA A 163 -19.46 -4.06 -9.45
C ALA A 163 -20.06 -4.23 -10.84
N PRO A 164 -19.67 -3.37 -11.80
CA PRO A 164 -20.18 -3.47 -13.17
C PRO A 164 -20.15 -4.87 -13.79
N SER A 165 -19.15 -5.68 -13.47
CA SER A 165 -19.01 -7.01 -14.09
C SER A 165 -19.82 -8.11 -13.39
N ARG A 166 -20.55 -7.75 -12.34
CA ARG A 166 -21.38 -8.72 -11.59
C ARG A 166 -22.85 -8.32 -11.62
N TYR A 167 -23.18 -7.29 -10.87
CA TYR A 167 -24.52 -6.68 -10.88
C TYR A 167 -24.56 -5.66 -12.03
N ASN A 168 -25.73 -5.09 -12.31
CA ASN A 168 -25.84 -4.05 -13.34
C ASN A 168 -25.92 -2.63 -12.78
N ILE A 169 -24.76 -2.06 -12.47
CA ILE A 169 -24.65 -0.67 -12.06
C ILE A 169 -23.40 -0.05 -12.66
N ARG A 170 -23.57 0.88 -13.59
CA ARG A 170 -22.43 1.62 -14.15
C ARG A 170 -21.99 2.69 -13.15
N LEU A 171 -20.74 2.65 -12.70
CA LEU A 171 -20.29 3.68 -11.77
C LEU A 171 -18.99 4.39 -12.21
N LYS A 172 -19.00 5.72 -12.27
CA LYS A 172 -17.77 6.49 -12.53
C LYS A 172 -16.87 6.54 -11.28
N ILE A 173 -15.63 6.98 -11.45
CA ILE A 173 -14.66 6.97 -10.36
C ILE A 173 -13.77 8.20 -10.39
N ARG A 174 -13.81 8.98 -9.31
CA ARG A 174 -13.08 10.25 -9.24
C ARG A 174 -12.28 10.35 -7.96
N GLN A 175 -11.11 10.99 -8.03
CA GLN A 175 -10.25 11.15 -6.87
C GLN A 175 -10.23 12.60 -6.42
N LEU A 176 -10.37 12.80 -5.11
CA LEU A 176 -10.22 14.12 -4.53
C LEU A 176 -8.80 14.59 -4.75
N PRO A 177 -8.61 15.91 -4.87
CA PRO A 177 -7.29 16.50 -5.14
C PRO A 177 -6.26 16.17 -4.06
N ILE A 178 -5.06 15.78 -4.50
CA ILE A 178 -3.98 15.46 -3.58
C ILE A 178 -3.31 16.73 -3.07
N ASP A 179 -3.20 17.73 -3.95
CA ASP A 179 -2.56 19.00 -3.59
C ASP A 179 -3.39 19.74 -2.57
N SER A 180 -4.67 19.89 -2.87
CA SER A 180 -5.55 20.77 -2.10
C SER A 180 -6.65 19.96 -1.43
N ASP A 181 -7.27 20.55 -0.41
CA ASP A 181 -8.49 19.98 0.15
C ASP A 181 -9.67 20.87 -0.25
N ASP A 182 -9.48 21.62 -1.32
CA ASP A 182 -10.56 22.35 -1.98
C ASP A 182 -11.14 21.45 -3.06
N SER A 183 -12.33 20.91 -2.79
CA SER A 183 -12.90 19.90 -3.68
C SER A 183 -13.96 20.49 -4.59
N ARG A 184 -14.01 21.82 -4.66
CA ARG A 184 -15.02 22.51 -5.48
C ARG A 184 -14.85 22.25 -6.98
N PRO A 185 -13.61 22.33 -7.49
CA PRO A 185 -13.40 22.09 -8.92
C PRO A 185 -13.91 20.71 -9.33
N LEU A 186 -13.66 19.71 -8.49
CA LEU A 186 -14.20 18.37 -8.71
C LEU A 186 -15.72 18.37 -8.69
N LEU A 187 -16.31 18.96 -7.65
CA LEU A 187 -17.77 19.02 -7.51
C LEU A 187 -18.40 19.70 -8.71
N LYS A 188 -17.71 20.70 -9.30
CA LYS A 188 -18.21 21.35 -10.50
C LYS A 188 -18.32 20.31 -11.62
N GLU A 189 -17.32 19.43 -11.71
CA GLU A 189 -17.29 18.46 -12.79
C GLU A 189 -18.39 17.41 -12.63
N MET A 190 -18.68 17.03 -11.38
CA MET A 190 -19.75 16.07 -11.13
C MET A 190 -21.10 16.71 -11.37
N LYS A 191 -21.20 18.00 -11.10
CA LYS A 191 -22.46 18.74 -11.24
C LYS A 191 -22.77 18.88 -12.72
N ARG A 192 -21.76 19.30 -13.47
CA ARG A 192 -21.86 19.45 -14.92
C ARG A 192 -22.17 18.08 -15.50
N GLY A 193 -21.61 17.04 -14.89
CA GLY A 193 -21.81 15.67 -15.36
C GLY A 193 -23.10 15.04 -14.87
N ARG A 194 -23.96 15.83 -14.25
CA ARG A 194 -25.25 15.34 -13.72
C ARG A 194 -25.09 14.03 -12.91
N GLU A 195 -24.03 13.95 -12.13
CA GLU A 195 -23.82 12.83 -11.22
C GLU A 195 -24.49 13.16 -9.89
N PHE A 196 -25.61 12.51 -9.61
CA PHE A 196 -26.47 12.88 -8.48
C PHE A 196 -26.37 11.92 -7.30
N ARG A 197 -25.84 10.73 -7.55
CA ARG A 197 -25.80 9.68 -6.55
C ARG A 197 -24.32 9.42 -6.32
N ILE A 198 -23.82 9.74 -5.15
CA ILE A 198 -22.37 9.73 -4.94
C ILE A 198 -21.98 9.01 -3.66
N ILE A 199 -20.88 8.27 -3.72
CA ILE A 199 -20.33 7.52 -2.61
C ILE A 199 -18.97 8.13 -2.28
N PHE A 200 -18.84 8.70 -1.09
CA PHE A 200 -17.61 9.37 -0.68
C PHE A 200 -16.85 8.49 0.29
N ASP A 201 -15.69 8.02 -0.12
CA ASP A 201 -14.82 7.31 0.80
C ASP A 201 -13.74 8.26 1.30
N CYS A 202 -13.78 8.58 2.59
CA CYS A 202 -12.83 9.54 3.15
C CYS A 202 -13.05 9.75 4.65
N SER A 203 -12.05 10.38 5.28
CA SER A 203 -12.09 10.66 6.72
C SER A 203 -13.26 11.57 7.13
N HIS A 204 -13.63 11.49 8.40
CA HIS A 204 -14.72 12.30 8.92
C HIS A 204 -14.38 13.77 8.74
N THR A 205 -13.12 14.11 8.96
CA THR A 205 -12.64 15.47 8.72
C THR A 205 -12.93 15.89 7.28
N MET A 206 -12.39 15.14 6.33
CA MET A 206 -12.62 15.48 4.92
C MET A 206 -14.12 15.46 4.55
N ALA A 207 -14.92 14.61 5.19
CA ALA A 207 -16.36 14.51 4.91
C ALA A 207 -17.10 15.79 5.29
N ALA A 208 -16.68 16.39 6.41
CA ALA A 208 -17.26 17.63 6.87
C ALA A 208 -16.98 18.73 5.84
N GLN A 209 -15.79 18.68 5.23
CA GLN A 209 -15.37 19.69 4.26
C GLN A 209 -16.21 19.57 3.01
N ILE A 210 -16.33 18.34 2.52
CA ILE A 210 -17.07 18.06 1.30
C ILE A 210 -18.53 18.49 1.43
N LEU A 211 -19.14 18.28 2.59
CA LEU A 211 -20.54 18.68 2.79
C LEU A 211 -20.67 20.20 2.69
N LYS A 212 -19.84 20.91 3.45
CA LYS A 212 -19.77 22.36 3.41
C LYS A 212 -19.64 22.89 1.99
N GLN A 213 -18.79 22.24 1.20
CA GLN A 213 -18.51 22.71 -0.15
C GLN A 213 -19.53 22.24 -1.18
N ALA A 214 -20.18 21.12 -0.92
CA ALA A 214 -21.27 20.67 -1.77
C ALA A 214 -22.45 21.64 -1.62
N MET A 215 -22.62 22.23 -0.44
CA MET A 215 -23.70 23.19 -0.24
C MET A 215 -23.41 24.49 -0.97
N ALA A 216 -22.16 24.92 -0.94
CA ALA A 216 -21.73 26.09 -1.71
C ALA A 216 -21.94 25.91 -3.21
N MET A 217 -21.84 24.68 -3.69
CA MET A 217 -21.96 24.41 -5.11
C MET A 217 -23.42 24.11 -5.49
N GLY A 218 -24.32 24.24 -4.54
CA GLY A 218 -25.73 24.05 -4.80
C GLY A 218 -26.08 22.61 -5.10
N MET A 219 -25.35 21.68 -4.48
CA MET A 219 -25.55 20.24 -4.68
C MET A 219 -26.11 19.57 -3.42
N MET A 220 -26.53 20.39 -2.46
CA MET A 220 -27.14 19.89 -1.26
C MET A 220 -28.66 20.04 -1.38
N THR A 221 -29.26 19.23 -2.27
CA THR A 221 -30.71 19.32 -2.53
C THR A 221 -31.35 17.93 -2.64
N GLU A 222 -32.65 17.90 -2.90
CA GLU A 222 -33.40 16.65 -3.05
C GLU A 222 -33.03 15.90 -4.33
N TYR A 223 -32.20 16.50 -5.16
CA TYR A 223 -31.78 15.81 -6.38
C TYR A 223 -30.60 14.89 -6.08
N TYR A 224 -29.98 15.08 -4.93
CA TYR A 224 -28.73 14.41 -4.62
C TYR A 224 -28.84 13.39 -3.51
N HIS A 225 -28.09 12.29 -3.64
CA HIS A 225 -28.02 11.28 -2.59
C HIS A 225 -26.59 10.91 -2.35
N PHE A 226 -26.07 11.25 -1.17
CA PHE A 226 -24.69 10.94 -0.81
C PHE A 226 -24.64 9.79 0.16
N ILE A 227 -23.72 8.85 -0.06
CA ILE A 227 -23.42 7.79 0.91
C ILE A 227 -21.99 7.97 1.39
N PHE A 228 -21.79 8.05 2.70
CA PHE A 228 -20.44 8.17 3.24
C PHE A 228 -19.94 6.86 3.85
N THR A 229 -18.69 6.52 3.55
CA THR A 229 -18.11 5.30 4.06
C THR A 229 -17.62 5.46 5.49
N THR A 230 -17.34 6.69 5.92
CA THR A 230 -16.78 6.90 7.25
C THR A 230 -17.71 6.41 8.35
N LEU A 231 -17.16 5.60 9.25
CA LEU A 231 -17.93 5.06 10.38
C LEU A 231 -18.11 6.12 11.45
N ASP A 232 -17.49 7.28 11.23
CA ASP A 232 -17.56 8.40 12.16
C ASP A 232 -18.57 9.42 11.71
N LEU A 233 -19.52 9.02 10.86
CA LEU A 233 -20.56 9.91 10.35
C LEU A 233 -21.31 10.60 11.48
N TYR A 234 -21.68 9.84 12.50
CA TYR A 234 -22.43 10.36 13.64
C TYR A 234 -21.66 11.46 14.38
N ALA A 235 -20.39 11.63 14.05
CA ALA A 235 -19.57 12.64 14.73
C ALA A 235 -19.56 13.95 13.97
N LEU A 236 -20.12 13.95 12.76
CA LEU A 236 -20.25 15.19 11.99
C LEU A 236 -21.44 16.02 12.46
N ASP A 237 -21.24 17.34 12.56
CA ASP A 237 -22.35 18.25 12.77
C ASP A 237 -23.15 18.42 11.49
N LEU A 238 -24.30 17.76 11.41
CA LEU A 238 -25.12 17.79 10.20
C LEU A 238 -26.33 18.73 10.30
N GLU A 239 -26.33 19.66 11.24
CA GLU A 239 -27.48 20.54 11.43
C GLU A 239 -27.64 21.52 10.27
N PRO A 240 -26.52 22.00 9.69
CA PRO A 240 -26.65 22.94 8.59
C PRO A 240 -27.20 22.31 7.31
N TYR A 241 -27.28 20.98 7.26
CA TYR A 241 -27.71 20.28 6.05
C TYR A 241 -29.03 19.51 6.24
N ARG A 242 -29.42 19.40 7.50
CA ARG A 242 -30.62 18.68 7.92
C ARG A 242 -31.90 19.03 7.16
N TYR A 243 -32.10 20.31 6.82
CA TYR A 243 -33.36 20.74 6.22
C TYR A 243 -33.24 20.97 4.72
N SER A 244 -32.08 20.67 4.15
CA SER A 244 -31.88 20.92 2.73
C SER A 244 -32.67 19.95 1.87
N GLY A 245 -32.95 18.76 2.38
CA GLY A 245 -33.67 17.76 1.62
C GLY A 245 -32.80 16.74 0.91
N VAL A 246 -31.47 16.82 1.07
CA VAL A 246 -30.60 15.77 0.51
C VAL A 246 -30.86 14.46 1.22
N ASN A 247 -30.64 13.36 0.50
CA ASN A 247 -30.58 12.04 1.10
C ASN A 247 -29.13 11.78 1.47
N LEU A 248 -28.89 11.34 2.69
CA LEU A 248 -27.52 11.20 3.15
C LEU A 248 -27.44 10.00 4.07
N THR A 249 -26.70 8.99 3.63
CA THR A 249 -26.69 7.69 4.30
C THR A 249 -25.27 7.24 4.58
N GLY A 250 -25.06 6.63 5.75
CA GLY A 250 -23.78 6.03 6.08
C GLY A 250 -23.92 4.89 7.07
N PHE A 251 -22.81 4.53 7.70
CA PHE A 251 -22.79 3.37 8.59
C PHE A 251 -22.31 3.72 9.99
N ARG A 252 -22.58 2.83 10.93
CA ARG A 252 -22.15 3.00 12.31
C ARG A 252 -21.92 1.61 12.90
N ILE A 253 -20.74 1.40 13.45
CA ILE A 253 -20.42 0.10 14.03
C ILE A 253 -20.49 0.19 15.55
N LEU A 254 -20.34 1.41 16.06
CA LEU A 254 -20.49 1.69 17.48
C LEU A 254 -21.93 1.44 17.95
N ASN A 255 -22.09 0.43 18.81
CA ASN A 255 -23.41 -0.02 19.24
C ASN A 255 -24.07 0.90 20.27
N VAL A 256 -24.50 2.07 19.79
CA VAL A 256 -25.09 3.09 20.64
C VAL A 256 -26.40 2.65 21.32
N ASP A 257 -27.17 1.79 20.64
CA ASP A 257 -28.44 1.33 21.19
C ASP A 257 -28.25 0.54 22.48
N ASN A 258 -27.01 0.19 22.79
CA ASN A 258 -26.73 -0.54 24.01
C ASN A 258 -26.41 0.39 25.18
N PRO A 259 -27.22 0.30 26.25
CA PRO A 259 -27.13 1.14 27.46
C PRO A 259 -25.72 1.31 28.04
N HIS A 260 -24.97 0.22 28.19
CA HIS A 260 -23.65 0.34 28.79
C HIS A 260 -22.64 0.97 27.84
N VAL A 261 -22.93 0.94 26.55
CA VAL A 261 -22.09 1.63 25.58
C VAL A 261 -22.31 3.13 25.69
N SER A 262 -23.57 3.54 25.76
CA SER A 262 -23.90 4.95 25.93
C SER A 262 -23.34 5.46 27.23
N ALA A 263 -23.34 4.61 28.26
CA ALA A 263 -22.76 5.01 29.53
C ALA A 263 -21.27 5.26 29.35
N ILE A 264 -20.62 4.44 28.55
CA ILE A 264 -19.18 4.60 28.36
C ILE A 264 -18.86 5.82 27.49
N VAL A 265 -19.68 6.07 26.48
CA VAL A 265 -19.42 7.19 25.57
C VAL A 265 -19.65 8.51 26.30
N GLU A 266 -20.65 8.54 27.16
CA GLU A 266 -20.90 9.73 27.93
C GLU A 266 -19.71 9.94 28.86
N LYS A 267 -19.30 8.87 29.54
CA LYS A 267 -18.20 9.00 30.50
C LYS A 267 -16.94 9.46 29.77
N TRP A 268 -16.74 8.95 28.56
CA TRP A 268 -15.59 9.31 27.75
C TRP A 268 -15.56 10.81 27.44
N SER A 269 -16.67 11.34 26.91
CA SER A 269 -16.75 12.76 26.60
C SER A 269 -16.57 13.66 27.83
N MET A 270 -16.97 13.18 29.01
CA MET A 270 -16.79 13.92 30.25
C MET A 270 -15.31 14.09 30.57
N GLU A 271 -14.51 13.18 30.04
CA GLU A 271 -13.08 13.16 30.28
C GLU A 271 -12.34 14.06 29.30
N ARG A 272 -12.93 14.27 28.13
CA ARG A 272 -12.27 15.01 27.06
C ARG A 272 -12.10 16.49 27.37
N LEU A 273 -10.96 17.04 26.96
CA LEU A 273 -10.68 18.47 27.08
C LEU A 273 -10.30 19.05 25.71
N GLN A 274 -10.36 18.21 24.67
CA GLN A 274 -9.97 18.63 23.33
C GLN A 274 -8.62 19.34 23.33
N GLY A 286 -17.98 16.83 21.67
CA GLY A 286 -16.83 15.96 21.88
C GLY A 286 -17.16 14.48 21.99
N VAL A 287 -17.65 13.89 20.90
CA VAL A 287 -18.14 12.51 20.90
C VAL A 287 -16.98 11.49 20.88
N MET A 288 -17.29 10.22 21.12
CA MET A 288 -16.32 9.15 20.96
C MET A 288 -16.26 8.63 19.54
N MET A 289 -15.21 8.95 18.82
CA MET A 289 -15.06 8.44 17.46
C MET A 289 -14.57 7.01 17.42
N THR A 290 -14.56 6.46 16.21
CA THR A 290 -14.37 5.04 16.02
C THR A 290 -12.97 4.64 16.46
N ASP A 291 -11.99 5.49 16.18
CA ASP A 291 -10.60 5.20 16.58
C ASP A 291 -10.49 4.89 18.07
N ALA A 292 -11.04 5.75 18.92
CA ALA A 292 -10.93 5.54 20.35
C ALA A 292 -11.71 4.32 20.81
N ALA A 293 -12.89 4.12 20.23
CA ALA A 293 -13.76 3.02 20.63
C ALA A 293 -13.13 1.65 20.31
N LEU A 294 -12.49 1.55 19.15
CA LEU A 294 -11.81 0.31 18.80
C LEU A 294 -10.63 0.01 19.72
N LEU A 295 -9.93 1.04 20.15
CA LEU A 295 -8.77 0.88 21.02
C LEU A 295 -9.23 0.43 22.40
N TYR A 296 -10.33 1.02 22.89
CA TYR A 296 -10.94 0.60 24.13
C TYR A 296 -11.34 -0.88 24.06
N ASP A 297 -11.93 -1.27 22.93
CA ASP A 297 -12.27 -2.69 22.72
C ASP A 297 -11.03 -3.58 22.62
N ALA A 298 -9.96 -3.06 22.06
CA ALA A 298 -8.75 -3.85 21.85
C ALA A 298 -8.12 -4.13 23.21
N VAL A 299 -8.01 -3.09 24.02
CA VAL A 299 -7.41 -3.24 25.35
C VAL A 299 -8.23 -4.19 26.21
N HIS A 300 -9.53 -4.20 26.00
CA HIS A 300 -10.40 -5.12 26.72
C HIS A 300 -10.23 -6.56 26.26
N ILE A 301 -10.14 -6.79 24.96
CA ILE A 301 -10.01 -8.14 24.44
C ILE A 301 -8.69 -8.75 24.91
N VAL A 302 -7.61 -7.98 24.87
CA VAL A 302 -6.32 -8.46 25.31
C VAL A 302 -6.30 -8.74 26.82
N SER A 303 -7.09 -8.00 27.59
CA SER A 303 -7.20 -8.23 29.03
C SER A 303 -8.02 -9.50 29.33
N VAL A 304 -9.27 -9.52 28.88
CA VAL A 304 -10.12 -10.69 28.94
C VAL A 304 -9.39 -11.98 28.51
N CYS A 305 -8.53 -11.89 27.50
CA CYS A 305 -7.80 -13.04 26.99
C CYS A 305 -6.65 -13.49 27.88
N TYR A 306 -6.00 -12.54 28.53
CA TYR A 306 -4.94 -12.83 29.49
C TYR A 306 -5.53 -13.57 30.69
N GLN A 307 -6.77 -13.22 31.03
CA GLN A 307 -7.45 -13.79 32.19
C GLN A 307 -7.87 -15.24 31.93
N ARG A 308 -8.30 -15.53 30.71
CA ARG A 308 -8.67 -16.89 30.34
C ARG A 308 -7.45 -17.71 29.90
N ALA A 309 -6.34 -17.03 29.63
CA ALA A 309 -5.09 -17.71 29.30
C ALA A 309 -4.49 -18.32 30.56
N PRO A 310 -3.85 -19.48 30.42
CA PRO A 310 -3.16 -20.07 31.57
C PRO A 310 -2.00 -19.17 31.98
N GLN A 311 -1.65 -19.18 33.26
CA GLN A 311 -0.64 -18.27 33.82
C GLN A 311 0.64 -18.20 33.00
N MET A 312 1.03 -16.98 32.65
CA MET A 312 2.21 -16.75 31.83
C MET A 312 2.94 -15.54 32.42
N THR A 313 4.15 -15.27 31.96
CA THR A 313 4.89 -14.13 32.48
C THR A 313 5.36 -13.24 31.36
N VAL A 314 5.50 -11.96 31.68
CA VAL A 314 6.14 -11.02 30.77
C VAL A 314 7.65 -11.22 30.82
N ASN A 315 8.26 -11.45 29.66
CA ASN A 315 9.69 -11.67 29.59
C ASN A 315 10.42 -10.53 28.88
N SER A 316 11.61 -10.19 29.35
CA SER A 316 12.43 -9.20 28.67
C SER A 316 13.08 -9.82 27.44
N LEU A 317 12.63 -9.38 26.26
CA LEU A 317 13.15 -9.87 24.99
C LEU A 317 14.03 -8.82 24.33
N GLN A 318 15.04 -9.26 23.61
CA GLN A 318 15.96 -8.33 22.98
C GLN A 318 15.93 -8.54 21.48
N CYS A 319 15.74 -7.46 20.74
CA CYS A 319 15.58 -7.53 19.30
C CYS A 319 16.83 -8.07 18.56
N HIS A 320 18.00 -7.65 19.01
CA HIS A 320 19.27 -8.14 18.43
C HIS A 320 19.50 -9.60 18.79
N ARG A 321 19.11 -9.97 20.00
CA ARG A 321 19.14 -11.35 20.44
C ARG A 321 18.23 -12.18 19.53
N HIS A 322 17.96 -13.42 19.91
CA HIS A 322 17.21 -14.33 19.05
C HIS A 322 15.96 -14.88 19.72
N LYS A 323 16.03 -15.08 21.03
CA LYS A 323 14.92 -15.67 21.80
C LYS A 323 13.57 -15.08 21.42
N ALA A 324 12.55 -15.93 21.33
CA ALA A 324 11.17 -15.47 21.21
C ALA A 324 10.44 -15.66 22.52
N TRP A 325 9.18 -15.27 22.55
CA TRP A 325 8.38 -15.36 23.77
C TRP A 325 7.58 -16.66 23.77
N ARG A 326 7.88 -17.53 24.73
CA ARG A 326 7.33 -18.88 24.73
C ARG A 326 5.80 -18.90 24.90
N PHE A 327 5.27 -17.91 25.60
CA PHE A 327 3.83 -17.86 25.86
C PHE A 327 3.06 -17.25 24.68
N GLY A 328 3.76 -16.42 23.91
CA GLY A 328 3.17 -15.72 22.78
C GLY A 328 2.24 -16.53 21.89
N GLY A 329 2.71 -17.62 21.32
CA GLY A 329 1.90 -18.42 20.43
C GLY A 329 0.53 -18.76 21.00
N ARG A 330 0.48 -19.25 22.22
CA ARG A 330 -0.79 -19.64 22.82
C ARG A 330 -1.62 -18.40 23.11
N PHE A 331 -0.95 -17.33 23.54
CA PHE A 331 -1.67 -16.09 23.83
C PHE A 331 -2.31 -15.54 22.56
N MET A 332 -1.54 -15.49 21.49
CA MET A 332 -2.01 -14.99 20.22
C MET A 332 -3.23 -15.78 19.78
N ASN A 333 -3.24 -17.07 20.09
CA ASN A 333 -4.33 -17.95 19.68
C ASN A 333 -5.60 -17.61 20.43
N PHE A 334 -5.47 -17.31 21.71
CA PHE A 334 -6.63 -16.92 22.49
C PHE A 334 -7.25 -15.67 21.85
N ILE A 335 -6.43 -14.63 21.67
CA ILE A 335 -6.84 -13.38 21.04
C ILE A 335 -7.60 -13.61 19.72
N LYS A 336 -7.08 -14.45 18.85
CA LYS A 336 -7.70 -14.68 17.55
C LYS A 336 -9.06 -15.35 17.71
N GLU A 337 -9.10 -16.36 18.56
CA GLU A 337 -10.31 -17.11 18.80
C GLU A 337 -11.32 -16.29 19.60
N ALA A 338 -10.88 -15.14 20.09
CA ALA A 338 -11.71 -14.33 20.97
C ALA A 338 -13.02 -13.89 20.33
N GLN A 339 -14.03 -13.75 21.16
CA GLN A 339 -15.33 -13.25 20.74
C GLN A 339 -15.90 -12.49 21.93
N TRP A 340 -16.10 -11.19 21.75
CA TRP A 340 -16.40 -10.30 22.86
C TRP A 340 -17.35 -9.22 22.40
N GLU A 341 -18.26 -8.81 23.27
CA GLU A 341 -19.14 -7.71 22.97
C GLU A 341 -18.48 -6.41 23.46
N GLY A 342 -18.11 -5.54 22.52
CA GLY A 342 -17.46 -4.30 22.87
C GLY A 342 -18.31 -3.09 22.53
N LEU A 343 -17.71 -1.91 22.64
CA LEU A 343 -18.36 -0.67 22.24
C LEU A 343 -18.81 -0.75 20.79
N THR A 344 -17.99 -1.40 19.95
CA THR A 344 -18.29 -1.50 18.52
C THR A 344 -19.03 -2.79 18.20
N GLY A 345 -19.91 -3.20 19.11
CA GLY A 345 -20.75 -4.35 18.89
C GLY A 345 -20.08 -5.70 19.05
N ARG A 346 -20.61 -6.68 18.31
CA ARG A 346 -20.15 -8.06 18.34
C ARG A 346 -18.80 -8.21 17.65
N ILE A 347 -17.78 -8.54 18.44
CA ILE A 347 -16.41 -8.62 17.90
C ILE A 347 -15.95 -10.07 17.68
N VAL A 348 -15.43 -10.34 16.49
CA VAL A 348 -14.87 -11.65 16.19
C VAL A 348 -13.94 -11.58 14.98
N PHE A 349 -12.85 -12.33 15.02
CA PHE A 349 -11.90 -12.36 13.89
C PHE A 349 -11.98 -13.67 13.12
N ASN A 350 -11.68 -13.59 11.82
CA ASN A 350 -11.39 -14.77 11.04
C ASN A 350 -10.16 -15.43 11.67
N LYS A 351 -10.22 -16.74 11.92
CA LYS A 351 -9.15 -17.36 12.71
C LYS A 351 -7.81 -17.41 11.98
N THR A 352 -7.84 -17.59 10.66
CA THR A 352 -6.58 -17.63 9.89
C THR A 352 -6.01 -16.25 9.54
N SER A 353 -6.85 -15.33 9.08
CA SER A 353 -6.39 -14.01 8.64
C SER A 353 -6.22 -13.02 9.79
N GLY A 354 -6.91 -13.28 10.89
CA GLY A 354 -6.89 -12.37 12.03
C GLY A 354 -7.60 -11.05 11.75
N LEU A 355 -8.30 -10.95 10.62
CA LEU A 355 -9.05 -9.73 10.27
C LEU A 355 -10.51 -9.81 10.69
N ARG A 356 -11.08 -8.66 11.01
CA ARG A 356 -12.46 -8.59 11.47
C ARG A 356 -13.41 -8.48 10.28
N THR A 357 -13.61 -9.60 9.58
CA THR A 357 -14.43 -9.62 8.36
C THR A 357 -15.91 -9.90 8.65
N ASP A 358 -16.25 -10.22 9.89
CA ASP A 358 -17.65 -10.38 10.27
C ASP A 358 -18.06 -9.46 11.43
N PHE A 359 -19.07 -8.64 11.19
CA PHE A 359 -19.48 -7.62 12.15
C PHE A 359 -20.90 -7.14 11.85
N ASP A 360 -21.41 -6.25 12.69
CA ASP A 360 -22.77 -5.73 12.51
C ASP A 360 -22.74 -4.24 12.34
N LEU A 361 -23.41 -3.74 11.30
CA LEU A 361 -23.51 -2.31 11.01
C LEU A 361 -24.91 -1.76 11.23
N ASP A 362 -24.97 -0.51 11.68
CA ASP A 362 -26.21 0.26 11.66
C ASP A 362 -26.25 1.02 10.35
N ILE A 363 -27.40 1.02 9.67
CA ILE A 363 -27.57 1.88 8.52
C ILE A 363 -28.28 3.14 8.99
N ILE A 364 -27.60 4.28 8.92
CA ILE A 364 -28.16 5.54 9.40
C ILE A 364 -28.43 6.50 8.26
N SER A 365 -29.45 7.35 8.43
CA SER A 365 -29.82 8.28 7.38
C SER A 365 -30.24 9.60 8.00
N LEU A 366 -29.86 10.70 7.34
CA LEU A 366 -30.17 12.05 7.81
C LEU A 366 -31.62 12.45 7.57
N LYS A 367 -32.34 12.74 8.65
CA LYS A 367 -33.70 13.26 8.59
C LYS A 367 -33.74 14.70 9.11
N GLU A 368 -34.90 15.36 8.98
CA GLU A 368 -35.08 16.71 9.51
C GLU A 368 -34.79 16.70 11.00
N ASP A 369 -35.31 15.68 11.67
CA ASP A 369 -35.16 15.54 13.11
C ASP A 369 -33.75 15.10 13.47
N GLY A 370 -32.93 14.82 12.46
CA GLY A 370 -31.55 14.43 12.68
C GLY A 370 -31.24 13.03 12.16
N LEU A 371 -30.02 12.59 12.42
CA LEU A 371 -29.54 11.28 12.00
C LEU A 371 -30.36 10.16 12.66
N GLU A 372 -30.80 9.19 11.88
CA GLU A 372 -31.71 8.16 12.39
C GLU A 372 -31.35 6.78 11.88
N LYS A 373 -31.43 5.78 12.78
CA LYS A 373 -31.11 4.40 12.41
C LYS A 373 -32.26 3.76 11.65
N VAL A 374 -32.08 3.59 10.34
CA VAL A 374 -33.14 3.07 9.48
C VAL A 374 -32.90 1.65 9.02
N GLY A 375 -31.98 0.94 9.68
CA GLY A 375 -31.75 -0.47 9.37
C GLY A 375 -30.47 -1.06 9.97
N VAL A 376 -30.12 -2.26 9.50
CA VAL A 376 -28.91 -2.95 9.93
C VAL A 376 -28.36 -3.87 8.84
N TRP A 377 -27.11 -4.28 9.00
CA TRP A 377 -26.45 -5.13 8.00
C TRP A 377 -25.42 -6.05 8.63
N SER A 378 -25.37 -7.29 8.16
CA SER A 378 -24.23 -8.15 8.44
C SER A 378 -23.94 -8.92 7.17
N PRO A 379 -22.74 -9.52 7.08
CA PRO A 379 -22.40 -10.30 5.90
C PRO A 379 -23.33 -11.51 5.68
N ALA A 380 -23.77 -12.14 6.76
CA ALA A 380 -24.63 -13.32 6.66
C ALA A 380 -26.08 -12.97 6.30
N ASP A 381 -26.67 -12.01 7.01
CA ASP A 381 -28.07 -11.63 6.79
C ASP A 381 -28.24 -10.58 5.69
N GLY A 382 -27.14 -10.05 5.17
CA GLY A 382 -27.25 -8.96 4.22
C GLY A 382 -27.95 -7.76 4.86
N LEU A 383 -28.68 -7.02 4.05
CA LEU A 383 -29.36 -5.81 4.51
C LEU A 383 -30.71 -6.12 5.14
N ASN A 384 -31.16 -5.26 6.03
CA ASN A 384 -32.46 -5.42 6.69
C ASN A 384 -32.96 -4.05 7.15
N ILE A 385 -33.85 -3.45 6.36
CA ILE A 385 -34.36 -2.11 6.65
C ILE A 385 -35.75 -2.14 7.28
N HIS B 3 42.16 2.83 -3.24
CA HIS B 3 40.96 3.34 -2.60
C HIS B 3 39.76 2.40 -2.83
N VAL B 4 38.79 2.46 -1.92
CA VAL B 4 37.66 1.53 -1.97
C VAL B 4 36.34 2.17 -1.53
N ILE B 5 35.32 2.01 -2.36
CA ILE B 5 33.96 2.40 -2.00
C ILE B 5 33.12 1.14 -1.92
N ARG B 6 32.14 1.14 -1.02
CA ARG B 6 31.35 -0.06 -0.77
C ARG B 6 29.86 0.23 -0.84
N ILE B 7 29.15 -0.48 -1.72
CA ILE B 7 27.70 -0.41 -1.75
C ILE B 7 27.08 -1.62 -1.08
N GLY B 8 25.98 -1.41 -0.37
CA GLY B 8 25.25 -2.48 0.27
C GLY B 8 24.08 -2.94 -0.58
N GLY B 9 23.87 -4.24 -0.63
CA GLY B 9 22.75 -4.80 -1.37
C GLY B 9 21.94 -5.75 -0.52
N ILE B 10 20.62 -5.60 -0.55
CA ILE B 10 19.74 -6.51 0.20
C ILE B 10 18.74 -7.14 -0.75
N PHE B 11 18.76 -8.46 -0.84
CA PHE B 11 17.90 -9.18 -1.77
C PHE B 11 17.01 -10.21 -1.08
N GLU B 12 15.83 -10.44 -1.63
CA GLU B 12 14.86 -11.32 -0.98
C GLU B 12 14.76 -12.72 -1.63
N TYR B 13 14.71 -13.74 -0.78
CA TYR B 13 14.68 -15.12 -1.23
C TYR B 13 13.64 -15.91 -0.47
N ALA B 14 13.13 -16.95 -1.09
CA ALA B 14 12.16 -17.81 -0.44
C ALA B 14 12.77 -18.55 0.76
N ASP B 15 14.04 -18.94 0.65
CA ASP B 15 14.72 -19.63 1.74
C ASP B 15 15.43 -18.65 2.67
N GLY B 16 15.32 -17.36 2.36
CA GLY B 16 15.99 -16.32 3.12
C GLY B 16 17.49 -16.43 2.92
N PRO B 17 18.25 -16.33 4.03
CA PRO B 17 19.71 -16.45 3.99
C PRO B 17 20.14 -17.82 3.47
N ASN B 18 19.38 -18.84 3.83
CA ASN B 18 19.74 -20.22 3.48
C ASN B 18 19.80 -20.44 1.97
N ALA B 19 19.14 -19.58 1.21
CA ALA B 19 19.10 -19.76 -0.24
C ALA B 19 20.48 -20.14 -0.77
N GLN B 20 20.51 -21.10 -1.69
CA GLN B 20 21.77 -21.58 -2.25
C GLN B 20 22.15 -20.83 -3.53
N VAL B 21 21.16 -20.58 -4.38
CA VAL B 21 21.42 -19.98 -5.70
C VAL B 21 21.10 -18.49 -5.75
N MET B 22 22.00 -17.72 -6.33
CA MET B 22 21.73 -16.32 -6.64
C MET B 22 20.50 -16.24 -7.51
N ASN B 23 19.70 -15.18 -7.32
CA ASN B 23 18.64 -14.86 -8.26
C ASN B 23 19.16 -13.85 -9.29
N ALA B 24 18.34 -13.55 -10.29
CA ALA B 24 18.74 -12.63 -11.35
C ALA B 24 19.25 -11.30 -10.80
N GLU B 25 18.56 -10.73 -9.83
CA GLU B 25 18.88 -9.38 -9.36
C GLU B 25 20.25 -9.32 -8.72
N GLU B 26 20.46 -10.15 -7.70
CA GLU B 26 21.73 -10.18 -7.02
C GLU B 26 22.85 -10.43 -8.05
N HIS B 27 22.57 -11.22 -9.06
CA HIS B 27 23.57 -11.44 -10.11
C HIS B 27 23.85 -10.15 -10.86
N ALA B 28 22.80 -9.47 -11.32
CA ALA B 28 22.94 -8.21 -12.05
C ALA B 28 23.68 -7.18 -11.20
N PHE B 29 23.55 -7.28 -9.88
CA PHE B 29 24.28 -6.44 -8.95
C PHE B 29 25.78 -6.75 -9.06
N ARG B 30 26.16 -8.01 -8.85
CA ARG B 30 27.57 -8.41 -8.88
C ARG B 30 28.14 -8.16 -10.28
N PHE B 31 27.35 -8.49 -11.28
CA PHE B 31 27.70 -8.29 -12.67
C PHE B 31 28.04 -6.84 -13.00
N SER B 32 27.24 -5.89 -12.50
CA SER B 32 27.46 -4.49 -12.86
C SER B 32 28.62 -3.86 -12.05
N ALA B 33 28.74 -4.17 -10.77
CA ALA B 33 29.93 -3.77 -10.02
C ALA B 33 31.21 -4.23 -10.74
N ASN B 34 31.19 -5.43 -11.31
CA ASN B 34 32.36 -5.98 -11.99
C ASN B 34 32.71 -5.19 -13.25
N ILE B 35 31.70 -4.78 -14.01
CA ILE B 35 31.95 -4.08 -15.26
C ILE B 35 32.53 -2.67 -15.07
N ILE B 36 32.20 -1.98 -13.98
CA ILE B 36 32.76 -0.65 -13.77
C ILE B 36 34.22 -0.77 -13.29
N ASN B 37 34.49 -1.83 -12.53
CA ASN B 37 35.85 -2.08 -12.09
C ASN B 37 36.75 -2.42 -13.27
N ARG B 38 36.14 -2.78 -14.40
CA ARG B 38 36.89 -3.05 -15.62
C ARG B 38 36.86 -1.85 -16.58
N ASN B 39 35.95 -0.91 -16.32
CA ASN B 39 35.87 0.31 -17.12
C ASN B 39 36.91 1.31 -16.60
N ARG B 40 37.94 1.56 -17.41
CA ARG B 40 39.02 2.44 -16.98
C ARG B 40 38.66 3.91 -17.16
N THR B 41 37.55 4.17 -17.83
CA THR B 41 37.04 5.52 -17.99
C THR B 41 36.06 5.87 -16.87
N LEU B 42 35.81 4.91 -15.99
CA LEU B 42 34.87 5.10 -14.87
C LEU B 42 35.43 4.50 -13.59
N LEU B 43 35.47 5.31 -12.54
CA LEU B 43 36.24 4.97 -11.35
C LEU B 43 37.49 4.20 -11.77
N PRO B 44 38.43 4.89 -12.43
CA PRO B 44 39.69 4.31 -12.91
C PRO B 44 40.61 3.82 -11.80
N ASN B 45 40.86 4.67 -10.81
CA ASN B 45 41.79 4.33 -9.73
C ASN B 45 41.07 4.15 -8.39
N THR B 46 39.77 3.91 -8.46
CA THR B 46 38.98 3.56 -7.26
C THR B 46 38.25 2.24 -7.53
N THR B 47 38.02 1.47 -6.48
CA THR B 47 37.52 0.13 -6.62
C THR B 47 36.17 -0.05 -5.95
N LEU B 48 35.14 -0.32 -6.75
CA LEU B 48 33.80 -0.55 -6.22
C LEU B 48 33.67 -1.95 -5.64
N THR B 49 33.23 -2.02 -4.38
CA THR B 49 32.99 -3.32 -3.75
C THR B 49 31.59 -3.34 -3.15
N TYR B 50 31.15 -4.49 -2.66
CA TYR B 50 29.79 -4.60 -2.13
C TYR B 50 29.68 -5.58 -0.99
N ASP B 51 28.72 -5.32 -0.10
CA ASP B 51 28.27 -6.31 0.87
C ASP B 51 26.93 -6.81 0.36
N ILE B 52 26.62 -8.08 0.55
CA ILE B 52 25.37 -8.61 0.05
C ILE B 52 24.68 -9.43 1.13
N GLN B 53 23.43 -9.08 1.39
CA GLN B 53 22.64 -9.76 2.40
C GLN B 53 21.41 -10.40 1.76
N ARG B 54 21.14 -11.65 2.12
CA ARG B 54 19.92 -12.32 1.69
C ARG B 54 18.92 -12.42 2.85
N ILE B 55 17.64 -12.23 2.54
CA ILE B 55 16.61 -12.26 3.58
C ILE B 55 15.33 -12.87 3.01
N HIS B 56 14.36 -13.12 3.88
CA HIS B 56 13.06 -13.67 3.45
C HIS B 56 12.14 -12.58 2.91
N PHE B 57 11.24 -12.98 2.01
CA PHE B 57 10.28 -12.05 1.45
C PHE B 57 9.45 -11.47 2.57
N HIS B 58 9.05 -10.21 2.41
CA HIS B 58 8.15 -9.58 3.35
C HIS B 58 8.64 -9.68 4.78
N ASP B 59 9.93 -9.44 5.00
CA ASP B 59 10.47 -9.46 6.36
C ASP B 59 11.21 -8.17 6.73
N SER B 60 10.46 -7.16 7.14
CA SER B 60 11.03 -5.83 7.43
C SER B 60 12.00 -5.90 8.59
N PHE B 61 11.73 -6.77 9.55
CA PHE B 61 12.60 -6.86 10.72
C PHE B 61 14.01 -7.28 10.29
N GLU B 62 14.08 -8.36 9.51
CA GLU B 62 15.35 -8.82 8.95
C GLU B 62 16.02 -7.72 8.14
N ALA B 63 15.28 -7.15 7.20
CA ALA B 63 15.82 -6.08 6.36
C ALA B 63 16.46 -4.98 7.23
N THR B 64 15.75 -4.56 8.28
CA THR B 64 16.24 -3.56 9.23
C THR B 64 17.61 -3.93 9.75
N LYS B 65 17.74 -5.15 10.28
CA LYS B 65 18.99 -5.64 10.84
C LYS B 65 20.12 -5.62 9.81
N LYS B 66 19.86 -6.05 8.58
CA LYS B 66 20.91 -6.15 7.58
C LYS B 66 21.38 -4.76 7.10
N ALA B 67 20.42 -3.86 6.89
CA ALA B 67 20.73 -2.47 6.58
C ALA B 67 21.64 -1.88 7.65
N CYS B 68 21.29 -2.10 8.92
CA CYS B 68 22.09 -1.58 10.02
C CYS B 68 23.46 -2.24 10.08
N ASP B 69 23.52 -3.53 9.77
CA ASP B 69 24.80 -4.20 9.72
C ASP B 69 25.65 -3.46 8.71
N GLN B 70 25.07 -3.19 7.55
CA GLN B 70 25.85 -2.64 6.44
C GLN B 70 26.28 -1.21 6.73
N LEU B 71 25.40 -0.42 7.34
CA LEU B 71 25.74 0.97 7.65
C LEU B 71 26.89 1.01 8.63
N ALA B 72 26.90 0.05 9.56
CA ALA B 72 27.98 -0.07 10.53
C ALA B 72 29.26 -0.54 9.86
N LEU B 73 29.12 -1.15 8.70
CA LEU B 73 30.27 -1.59 7.91
C LEU B 73 30.87 -0.44 7.12
N GLY B 74 30.02 0.51 6.70
CA GLY B 74 30.47 1.64 5.90
C GLY B 74 30.07 1.53 4.44
N VAL B 75 28.94 2.15 4.07
CA VAL B 75 28.50 2.16 2.68
C VAL B 75 28.08 3.56 2.22
N VAL B 76 28.18 3.80 0.92
CA VAL B 76 27.82 5.10 0.36
C VAL B 76 26.38 5.10 -0.17
N ALA B 77 25.76 3.92 -0.20
CA ALA B 77 24.37 3.76 -0.63
C ALA B 77 23.94 2.32 -0.37
N ILE B 78 22.63 2.12 -0.18
CA ILE B 78 22.07 0.79 0.00
C ILE B 78 21.00 0.51 -1.05
N PHE B 79 21.01 -0.69 -1.64
CA PHE B 79 20.04 -1.04 -2.66
C PHE B 79 19.01 -1.97 -2.09
N GLY B 80 17.83 -1.43 -1.80
CA GLY B 80 16.86 -2.07 -0.93
C GLY B 80 16.24 -3.28 -1.57
N PRO B 81 15.36 -3.95 -0.83
CA PRO B 81 14.67 -5.17 -1.28
C PRO B 81 13.61 -4.89 -2.37
N SER B 82 13.03 -5.96 -2.92
CA SER B 82 12.04 -5.82 -3.98
C SER B 82 10.64 -5.50 -3.47
N GLN B 83 10.08 -6.38 -2.65
CA GLN B 83 8.72 -6.21 -2.17
C GLN B 83 8.52 -4.82 -1.58
N GLY B 84 7.28 -4.35 -1.58
CA GLY B 84 6.96 -2.99 -1.16
C GLY B 84 6.81 -2.81 0.33
N SER B 85 6.89 -3.89 1.09
CA SER B 85 6.72 -3.83 2.54
C SER B 85 8.02 -3.52 3.27
N CYS B 86 9.12 -4.10 2.80
CA CYS B 86 10.40 -4.02 3.48
C CYS B 86 11.09 -2.68 3.28
N THR B 87 10.97 -2.11 2.08
CA THR B 87 11.69 -0.89 1.74
C THR B 87 11.18 0.32 2.50
N ASN B 88 9.95 0.26 3.02
CA ASN B 88 9.45 1.33 3.90
C ASN B 88 10.32 1.46 5.14
N ALA B 89 10.83 0.32 5.60
CA ALA B 89 11.63 0.26 6.79
C ALA B 89 13.06 0.73 6.50
N VAL B 90 13.64 0.22 5.43
CA VAL B 90 15.04 0.54 5.08
C VAL B 90 15.17 1.99 4.64
N GLN B 91 14.17 2.49 3.91
CA GLN B 91 14.13 3.89 3.53
C GLN B 91 14.21 4.77 4.75
N SER B 92 13.42 4.43 5.76
CA SER B 92 13.33 5.24 6.97
C SER B 92 14.68 5.27 7.68
N ILE B 93 15.39 4.16 7.65
CA ILE B 93 16.71 4.07 8.26
C ILE B 93 17.70 4.92 7.48
N CYS B 94 17.79 4.68 6.18
CA CYS B 94 18.67 5.44 5.30
C CYS B 94 18.48 6.96 5.47
N ASN B 95 17.29 7.35 5.85
CA ASN B 95 16.96 8.76 5.99
C ASN B 95 17.42 9.32 7.34
N ALA B 96 17.31 8.51 8.38
CA ALA B 96 17.79 8.91 9.70
C ALA B 96 19.32 9.02 9.71
N LEU B 97 20.00 8.09 9.03
CA LEU B 97 21.46 8.11 8.99
C LEU B 97 22.00 8.80 7.73
N GLU B 98 21.09 9.19 6.83
CA GLU B 98 21.43 10.00 5.67
C GLU B 98 22.42 9.33 4.70
N VAL B 99 22.17 8.06 4.41
CA VAL B 99 22.86 7.35 3.36
C VAL B 99 21.83 7.13 2.26
N PRO B 100 22.19 7.42 0.99
CA PRO B 100 21.20 7.23 -0.09
C PRO B 100 20.62 5.81 -0.17
N HIS B 101 19.30 5.73 -0.24
CA HIS B 101 18.61 4.47 -0.50
C HIS B 101 18.18 4.39 -1.96
N ILE B 102 18.77 3.49 -2.72
CA ILE B 102 18.39 3.28 -4.11
C ILE B 102 17.25 2.27 -4.20
N GLN B 103 16.18 2.63 -4.89
CA GLN B 103 15.00 1.77 -5.00
C GLN B 103 14.79 1.40 -6.45
N LEU B 104 14.34 0.17 -6.71
CA LEU B 104 14.31 -0.36 -8.09
C LEU B 104 12.94 -0.79 -8.57
N ARG B 105 12.02 -0.99 -7.63
CA ARG B 105 10.68 -1.42 -7.99
C ARG B 105 9.68 -0.38 -7.48
N TRP B 106 8.48 -0.36 -8.04
CA TRP B 106 7.51 0.65 -7.61
C TRP B 106 7.16 0.44 -6.12
N LYS B 107 7.07 1.53 -5.38
CA LYS B 107 6.69 1.51 -3.97
C LYS B 107 5.64 2.60 -3.80
N HIS B 108 4.71 2.40 -2.89
CA HIS B 108 3.82 3.50 -2.56
C HIS B 108 4.62 4.53 -1.77
N HIS B 109 4.55 5.79 -2.17
CA HIS B 109 5.20 6.86 -1.41
C HIS B 109 4.14 7.84 -0.93
N PRO B 110 3.55 7.59 0.25
CA PRO B 110 2.54 8.51 0.81
C PRO B 110 3.02 9.95 0.81
N LEU B 111 2.13 10.89 0.56
CA LEU B 111 2.53 12.31 0.49
C LEU B 111 2.98 12.82 1.85
N ASP B 112 2.29 12.38 2.90
CA ASP B 112 2.63 12.77 4.27
C ASP B 112 4.07 12.41 4.63
N ASN B 113 4.60 11.37 3.97
CA ASN B 113 5.94 10.89 4.28
C ASN B 113 7.03 11.89 3.89
N LYS B 114 7.88 12.25 4.84
CA LYS B 114 8.86 13.30 4.61
C LYS B 114 10.30 12.79 4.43
N ASP B 115 10.47 11.52 4.09
CA ASP B 115 11.79 10.99 3.77
C ASP B 115 12.30 11.60 2.46
N THR B 116 13.59 11.96 2.44
CA THR B 116 14.17 12.52 1.22
C THR B 116 15.41 11.75 0.73
N PHE B 117 15.91 10.83 1.54
CA PHE B 117 17.11 10.10 1.16
C PHE B 117 16.83 8.84 0.34
N TYR B 118 16.22 9.03 -0.83
CA TYR B 118 16.05 7.95 -1.81
C TYR B 118 15.81 8.47 -3.23
N VAL B 119 16.12 7.65 -4.23
CA VAL B 119 15.57 7.81 -5.56
C VAL B 119 14.99 6.46 -5.94
N ASN B 120 14.26 6.43 -7.04
CA ASN B 120 13.57 5.23 -7.46
C ASN B 120 13.53 5.12 -8.96
N LEU B 121 14.19 4.08 -9.50
CA LEU B 121 14.49 4.03 -10.93
C LEU B 121 13.39 3.41 -11.74
N TYR B 122 12.40 2.81 -11.10
CA TYR B 122 11.24 2.31 -11.83
C TYR B 122 10.41 3.49 -12.39
N PRO B 123 10.06 3.42 -13.70
CA PRO B 123 9.20 4.46 -14.27
C PRO B 123 7.97 4.63 -13.41
N ASP B 124 7.62 5.87 -13.10
CA ASP B 124 6.50 6.12 -12.22
C ASP B 124 5.24 5.61 -12.88
N TYR B 125 4.40 4.93 -12.12
CA TYR B 125 3.20 4.36 -12.70
C TYR B 125 2.14 5.41 -13.04
N ALA B 126 2.26 6.61 -12.48
CA ALA B 126 1.37 7.68 -12.89
C ALA B 126 1.68 8.06 -14.35
N SER B 127 2.95 7.97 -14.73
CA SER B 127 3.35 8.24 -16.10
C SER B 127 3.01 7.07 -17.02
N LEU B 128 3.20 5.85 -16.53
CA LEU B 128 2.82 4.67 -17.30
C LEU B 128 1.31 4.68 -17.54
N SER B 129 0.55 5.06 -16.52
CA SER B 129 -0.89 5.17 -16.64
C SER B 129 -1.27 6.15 -17.75
N HIS B 130 -0.51 7.23 -17.87
CA HIS B 130 -0.80 8.23 -18.90
C HIS B 130 -0.47 7.71 -20.27
N ALA B 131 0.59 6.92 -20.38
CA ALA B 131 0.95 6.33 -21.66
C ALA B 131 -0.10 5.32 -22.08
N ILE B 132 -0.71 4.64 -21.10
CA ILE B 132 -1.68 3.60 -21.39
C ILE B 132 -2.95 4.24 -21.90
N LEU B 133 -3.31 5.37 -21.32
CA LEU B 133 -4.44 6.14 -21.81
C LEU B 133 -4.17 6.64 -23.22
N ASP B 134 -3.02 7.28 -23.43
CA ASP B 134 -2.68 7.79 -24.75
C ASP B 134 -2.81 6.69 -25.79
N LEU B 135 -2.44 5.48 -25.42
CA LEU B 135 -2.43 4.36 -26.36
C LEU B 135 -3.86 3.89 -26.64
N VAL B 136 -4.66 3.75 -25.58
CA VAL B 136 -6.06 3.37 -25.71
C VAL B 136 -6.83 4.36 -26.58
N GLN B 137 -6.73 5.64 -26.25
CA GLN B 137 -7.41 6.69 -26.99
C GLN B 137 -6.88 6.76 -28.44
N SER B 138 -5.64 6.32 -28.65
CA SER B 138 -5.06 6.30 -29.99
C SER B 138 -5.61 5.15 -30.83
N LEU B 139 -6.00 4.05 -30.19
CA LEU B 139 -6.64 2.95 -30.90
C LEU B 139 -8.11 3.27 -31.07
N LYS B 140 -8.53 4.41 -30.54
CA LYS B 140 -9.92 4.84 -30.60
C LYS B 140 -10.87 3.92 -29.83
N TRP B 141 -10.36 3.21 -28.83
CA TRP B 141 -11.19 2.34 -28.00
C TRP B 141 -12.26 3.12 -27.26
N ARG B 142 -13.49 2.63 -27.37
CA ARG B 142 -14.61 3.21 -26.66
C ARG B 142 -14.91 2.42 -25.40
N SER B 143 -14.59 1.13 -25.39
CA SER B 143 -14.80 0.33 -24.19
C SER B 143 -13.73 -0.73 -24.06
N ALA B 144 -13.26 -0.96 -22.84
CA ALA B 144 -12.21 -1.94 -22.59
C ALA B 144 -12.49 -2.71 -21.32
N THR B 145 -11.53 -3.53 -20.91
CA THR B 145 -11.60 -4.22 -19.64
C THR B 145 -10.22 -4.26 -19.04
N VAL B 146 -10.10 -3.73 -17.83
CA VAL B 146 -8.85 -3.72 -17.11
C VAL B 146 -8.82 -4.93 -16.19
N VAL B 147 -7.86 -5.81 -16.45
CA VAL B 147 -7.63 -7.01 -15.65
C VAL B 147 -6.30 -6.88 -14.92
N TYR B 148 -6.31 -7.01 -13.60
CA TYR B 148 -5.11 -6.81 -12.80
C TYR B 148 -4.86 -7.98 -11.86
N ASP B 149 -3.66 -8.02 -11.29
CA ASP B 149 -3.22 -9.15 -10.47
C ASP B 149 -3.34 -8.86 -8.98
N ASP B 150 -2.36 -8.16 -8.42
CA ASP B 150 -2.39 -7.86 -7.00
C ASP B 150 -3.09 -6.54 -6.75
N SER B 151 -3.68 -6.38 -5.57
CA SER B 151 -4.46 -5.19 -5.22
C SER B 151 -3.75 -3.92 -5.63
N THR B 152 -2.45 -3.92 -5.42
CA THR B 152 -1.61 -2.76 -5.69
C THR B 152 -1.68 -2.27 -7.15
N GLY B 153 -2.10 -3.13 -8.06
CA GLY B 153 -2.24 -2.75 -9.45
C GLY B 153 -3.20 -1.59 -9.62
N LEU B 154 -4.23 -1.55 -8.78
CA LEU B 154 -5.19 -0.46 -8.81
C LEU B 154 -4.49 0.87 -8.60
N ILE B 155 -3.84 1.02 -7.43
CA ILE B 155 -3.12 2.25 -7.08
C ILE B 155 -2.23 2.72 -8.21
N ARG B 156 -1.81 1.77 -9.04
CA ARG B 156 -0.87 2.09 -10.10
C ARG B 156 -1.60 2.63 -11.31
N LEU B 157 -2.56 1.87 -11.84
CA LEU B 157 -3.34 2.28 -13.00
C LEU B 157 -4.42 3.33 -12.71
N GLN B 158 -4.28 4.14 -11.66
CA GLN B 158 -5.40 4.99 -11.28
C GLN B 158 -5.70 6.06 -12.29
N GLU B 159 -4.66 6.67 -12.85
CA GLU B 159 -4.86 7.71 -13.86
C GLU B 159 -5.57 7.14 -15.09
N LEU B 160 -5.69 5.82 -15.13
CA LEU B 160 -6.35 5.13 -16.22
C LEU B 160 -7.77 4.70 -15.85
N ILE B 161 -7.95 4.32 -14.59
CA ILE B 161 -9.26 3.88 -14.09
C ILE B 161 -10.25 5.05 -14.06
N MET B 162 -9.71 6.26 -13.91
CA MET B 162 -10.55 7.44 -13.78
C MET B 162 -10.84 8.06 -15.14
N ALA B 163 -10.72 7.25 -16.19
CA ALA B 163 -10.90 7.72 -17.56
C ALA B 163 -12.36 7.95 -17.97
N PRO B 164 -13.29 7.06 -17.53
CA PRO B 164 -14.69 7.19 -17.93
C PRO B 164 -15.41 8.45 -17.44
N SER B 165 -14.65 9.42 -16.91
CA SER B 165 -15.20 10.76 -16.67
C SER B 165 -14.25 11.88 -17.16
N ARG B 166 -13.07 11.50 -17.63
CA ARG B 166 -12.16 12.41 -18.32
C ARG B 166 -12.10 12.09 -19.82
N TYR B 167 -13.10 11.38 -20.31
CA TYR B 167 -13.12 10.89 -21.69
C TYR B 167 -14.33 9.96 -21.88
N ASN B 168 -14.64 9.64 -23.12
CA ASN B 168 -15.89 8.96 -23.46
C ASN B 168 -15.87 7.43 -23.30
N ILE B 169 -14.91 6.90 -22.57
CA ILE B 169 -14.66 5.44 -22.59
C ILE B 169 -15.23 4.66 -21.40
N ARG B 170 -15.87 3.53 -21.70
CA ARG B 170 -16.51 2.67 -20.71
C ARG B 170 -15.61 1.47 -20.32
N LEU B 171 -15.34 1.34 -19.03
CA LEU B 171 -14.24 0.50 -18.56
C LEU B 171 -14.67 -0.51 -17.47
N LYS B 172 -14.78 -1.78 -17.82
CA LYS B 172 -15.05 -2.82 -16.85
C LYS B 172 -13.76 -3.22 -16.10
N ILE B 173 -13.90 -3.76 -14.90
CA ILE B 173 -12.74 -4.08 -14.08
C ILE B 173 -12.83 -5.46 -13.45
N ARG B 174 -11.76 -6.23 -13.62
CA ARG B 174 -11.71 -7.59 -13.12
C ARG B 174 -10.36 -7.85 -12.48
N GLN B 175 -10.26 -8.94 -11.73
CA GLN B 175 -9.01 -9.30 -11.09
C GLN B 175 -8.72 -10.77 -11.30
N LEU B 176 -7.47 -11.09 -11.55
CA LEU B 176 -7.04 -12.47 -11.69
C LEU B 176 -7.31 -13.20 -10.38
N PRO B 177 -7.60 -14.51 -10.46
CA PRO B 177 -7.81 -15.29 -9.23
C PRO B 177 -6.63 -15.19 -8.27
N ILE B 178 -6.91 -14.94 -7.00
CA ILE B 178 -5.86 -14.81 -5.99
C ILE B 178 -5.45 -16.17 -5.43
N ASP B 179 -6.34 -17.15 -5.50
CA ASP B 179 -6.07 -18.47 -4.95
C ASP B 179 -5.52 -19.43 -5.98
N SER B 180 -5.34 -18.95 -7.22
CA SER B 180 -4.89 -19.82 -8.30
C SER B 180 -4.15 -19.06 -9.40
N ASP B 181 -3.51 -19.80 -10.29
CA ASP B 181 -2.88 -19.22 -11.46
C ASP B 181 -3.71 -19.57 -12.69
N ASP B 182 -4.83 -20.22 -12.42
CA ASP B 182 -5.75 -20.63 -13.46
C ASP B 182 -6.72 -19.50 -13.77
N SER B 183 -6.34 -18.67 -14.75
CA SER B 183 -7.16 -17.53 -15.14
C SER B 183 -8.24 -17.91 -16.16
N ARG B 184 -8.47 -19.19 -16.37
CA ARG B 184 -9.45 -19.62 -17.36
C ARG B 184 -10.88 -19.19 -17.00
N PRO B 185 -11.32 -19.44 -15.76
CA PRO B 185 -12.68 -19.05 -15.36
C PRO B 185 -12.99 -17.58 -15.59
N LEU B 186 -12.07 -16.70 -15.17
CA LEU B 186 -12.20 -15.30 -15.51
C LEU B 186 -12.40 -15.13 -17.02
N LEU B 187 -11.53 -15.77 -17.82
CA LEU B 187 -11.54 -15.60 -19.26
C LEU B 187 -12.87 -16.00 -19.89
N LYS B 188 -13.50 -17.05 -19.35
CA LYS B 188 -14.82 -17.47 -19.82
C LYS B 188 -15.79 -16.32 -19.64
N GLU B 189 -15.71 -15.67 -18.48
CA GLU B 189 -16.63 -14.58 -18.18
C GLU B 189 -16.39 -13.33 -19.04
N MET B 190 -15.15 -13.07 -19.43
CA MET B 190 -14.87 -11.96 -20.34
C MET B 190 -15.39 -12.30 -21.74
N LYS B 191 -15.26 -13.57 -22.11
CA LYS B 191 -15.67 -14.03 -23.44
C LYS B 191 -17.18 -14.01 -23.61
N ARG B 192 -17.91 -14.51 -22.62
CA ARG B 192 -19.35 -14.35 -22.57
C ARG B 192 -19.67 -12.85 -22.61
N GLY B 193 -18.94 -12.08 -21.83
CA GLY B 193 -19.16 -10.65 -21.73
C GLY B 193 -18.89 -9.93 -23.03
N ARG B 194 -18.33 -10.65 -24.00
CA ARG B 194 -17.98 -10.04 -25.28
C ARG B 194 -16.93 -8.93 -25.10
N GLU B 195 -16.14 -9.01 -24.05
CA GLU B 195 -15.05 -8.06 -23.84
C GLU B 195 -13.87 -8.44 -24.72
N PHE B 196 -13.63 -7.66 -25.78
CA PHE B 196 -12.61 -8.03 -26.76
C PHE B 196 -11.32 -7.23 -26.64
N ARG B 197 -11.43 -5.98 -26.19
CA ARG B 197 -10.28 -5.13 -25.99
C ARG B 197 -9.92 -5.19 -24.51
N ILE B 198 -8.71 -5.64 -24.19
CA ILE B 198 -8.35 -5.90 -22.80
C ILE B 198 -6.95 -5.40 -22.44
N ILE B 199 -6.84 -4.83 -21.24
CA ILE B 199 -5.57 -4.40 -20.68
C ILE B 199 -5.17 -5.28 -19.49
N PHE B 200 -4.00 -5.92 -19.55
CA PHE B 200 -3.54 -6.82 -18.50
C PHE B 200 -2.41 -6.18 -17.71
N ASP B 201 -2.67 -5.86 -16.44
CA ASP B 201 -1.60 -5.45 -15.53
C ASP B 201 -1.19 -6.66 -14.71
N CYS B 202 0.05 -7.10 -14.88
CA CYS B 202 0.55 -8.29 -14.20
C CYS B 202 2.00 -8.56 -14.60
N SER B 203 2.69 -9.42 -13.84
CA SER B 203 4.09 -9.74 -14.16
C SER B 203 4.19 -10.45 -15.51
N HIS B 204 5.39 -10.46 -16.08
CA HIS B 204 5.62 -11.14 -17.36
C HIS B 204 5.32 -12.63 -17.22
N THR B 205 5.60 -13.21 -16.06
CA THR B 205 5.31 -14.62 -15.82
C THR B 205 3.83 -14.84 -15.97
N MET B 206 3.05 -14.10 -15.18
CA MET B 206 1.60 -14.19 -15.24
C MET B 206 1.13 -13.99 -16.68
N ALA B 207 1.74 -13.03 -17.37
CA ALA B 207 1.36 -12.68 -18.74
C ALA B 207 1.49 -13.90 -19.66
N ALA B 208 2.60 -14.62 -19.52
CA ALA B 208 2.82 -15.81 -20.33
C ALA B 208 1.73 -16.85 -20.04
N GLN B 209 1.36 -17.02 -18.78
CA GLN B 209 0.29 -17.91 -18.39
C GLN B 209 -1.03 -17.46 -19.05
N ILE B 210 -1.26 -16.16 -19.05
CA ILE B 210 -2.51 -15.62 -19.56
C ILE B 210 -2.61 -15.85 -21.06
N LEU B 211 -1.53 -15.61 -21.80
CA LEU B 211 -1.55 -15.84 -23.25
C LEU B 211 -1.89 -17.30 -23.54
N LYS B 212 -1.15 -18.23 -22.93
CA LYS B 212 -1.38 -19.64 -23.17
C LYS B 212 -2.82 -20.04 -22.85
N GLN B 213 -3.39 -19.45 -21.81
CA GLN B 213 -4.75 -19.84 -21.43
C GLN B 213 -5.80 -19.13 -22.30
N ALA B 214 -5.53 -17.89 -22.67
CA ALA B 214 -6.36 -17.17 -23.62
C ALA B 214 -6.49 -17.97 -24.94
N MET B 215 -5.40 -18.57 -25.42
CA MET B 215 -5.49 -19.32 -26.67
C MET B 215 -6.32 -20.55 -26.48
N ALA B 216 -6.07 -21.27 -25.39
CA ALA B 216 -6.84 -22.45 -25.04
C ALA B 216 -8.32 -22.15 -24.96
N MET B 217 -8.67 -20.90 -24.63
CA MET B 217 -10.06 -20.48 -24.47
C MET B 217 -10.69 -19.97 -25.75
N GLY B 218 -9.94 -20.04 -26.85
CA GLY B 218 -10.42 -19.57 -28.15
C GLY B 218 -10.45 -18.06 -28.29
N MET B 219 -9.61 -17.34 -27.54
CA MET B 219 -9.63 -15.88 -27.53
C MET B 219 -8.40 -15.22 -28.19
N MET B 220 -7.47 -16.02 -28.70
CA MET B 220 -6.31 -15.49 -29.41
C MET B 220 -6.63 -15.40 -30.92
N THR B 221 -7.40 -14.38 -31.30
CA THR B 221 -7.75 -14.19 -32.70
C THR B 221 -7.81 -12.71 -33.09
N GLU B 222 -8.26 -12.45 -34.31
CA GLU B 222 -8.26 -11.08 -34.84
C GLU B 222 -9.39 -10.24 -34.27
N TYR B 223 -10.30 -10.87 -33.54
CA TYR B 223 -11.38 -10.14 -32.88
C TYR B 223 -10.89 -9.53 -31.56
N TYR B 224 -9.74 -9.96 -31.08
CA TYR B 224 -9.24 -9.48 -29.79
C TYR B 224 -8.02 -8.57 -29.92
N HIS B 225 -7.87 -7.66 -28.97
CA HIS B 225 -6.69 -6.82 -28.88
C HIS B 225 -6.29 -6.68 -27.43
N PHE B 226 -5.13 -7.23 -27.10
CA PHE B 226 -4.63 -7.19 -25.73
C PHE B 226 -3.53 -6.16 -25.59
N ILE B 227 -3.56 -5.41 -24.50
CA ILE B 227 -2.43 -4.56 -24.14
C ILE B 227 -1.83 -5.08 -22.85
N PHE B 228 -0.50 -5.20 -22.82
CA PHE B 228 0.19 -5.57 -21.59
C PHE B 228 1.00 -4.40 -21.04
N THR B 229 0.90 -4.20 -19.74
CA THR B 229 1.62 -3.12 -19.09
C THR B 229 3.00 -3.61 -18.63
N THR B 230 3.21 -4.92 -18.63
CA THR B 230 4.50 -5.46 -18.23
C THR B 230 5.57 -4.88 -19.15
N LEU B 231 6.63 -4.31 -18.57
CA LEU B 231 7.75 -3.82 -19.37
C LEU B 231 8.59 -4.97 -19.90
N ASP B 232 8.32 -6.17 -19.43
CA ASP B 232 9.09 -7.33 -19.82
C ASP B 232 8.45 -8.09 -21.00
N LEU B 233 7.45 -7.48 -21.63
CA LEU B 233 6.74 -8.09 -22.75
C LEU B 233 7.65 -8.64 -23.86
N TYR B 234 8.65 -7.86 -24.27
CA TYR B 234 9.58 -8.25 -25.33
C TYR B 234 10.40 -9.49 -24.96
N ALA B 235 10.26 -9.94 -23.71
CA ALA B 235 11.03 -11.06 -23.23
C ALA B 235 10.21 -12.36 -23.28
N LEU B 236 8.93 -12.25 -23.59
CA LEU B 236 8.08 -13.45 -23.68
C LEU B 236 8.24 -14.15 -25.03
N ASP B 237 8.15 -15.47 -25.01
CA ASP B 237 8.11 -16.24 -26.24
C ASP B 237 6.74 -16.07 -26.88
N LEU B 238 6.68 -15.33 -27.97
CA LEU B 238 5.40 -15.08 -28.61
C LEU B 238 5.26 -15.85 -29.94
N GLU B 239 6.12 -16.83 -30.18
CA GLU B 239 6.05 -17.55 -31.44
C GLU B 239 4.74 -18.35 -31.54
N PRO B 240 4.29 -18.95 -30.44
CA PRO B 240 3.02 -19.68 -30.56
C PRO B 240 1.83 -18.80 -30.94
N TYR B 241 2.01 -17.48 -30.95
CA TYR B 241 0.86 -16.57 -31.07
C TYR B 241 0.91 -15.60 -32.27
N ARG B 242 2.07 -15.43 -32.87
CA ARG B 242 2.22 -14.36 -33.87
C ARG B 242 1.45 -14.59 -35.19
N TYR B 243 0.97 -15.80 -35.44
CA TYR B 243 0.21 -16.08 -36.67
C TYR B 243 -1.29 -16.20 -36.46
N SER B 244 -1.77 -15.83 -35.28
CA SER B 244 -3.19 -16.01 -34.98
C SER B 244 -4.07 -14.86 -35.45
N GLY B 245 -3.49 -13.66 -35.54
CA GLY B 245 -4.24 -12.48 -35.93
C GLY B 245 -4.52 -11.50 -34.79
N VAL B 246 -4.33 -11.96 -33.55
CA VAL B 246 -4.46 -11.10 -32.38
C VAL B 246 -3.68 -9.79 -32.55
N ASN B 247 -4.23 -8.71 -32.02
CA ASN B 247 -3.45 -7.49 -31.84
C ASN B 247 -2.87 -7.60 -30.47
N LEU B 248 -1.58 -7.32 -30.35
CA LEU B 248 -0.91 -7.40 -29.06
C LEU B 248 0.06 -6.23 -28.95
N THR B 249 -0.12 -5.41 -27.93
CA THR B 249 0.67 -4.19 -27.84
C THR B 249 1.14 -3.98 -26.43
N GLY B 250 2.22 -3.23 -26.28
CA GLY B 250 2.72 -2.92 -24.96
C GLY B 250 3.91 -2.00 -25.03
N PHE B 251 4.67 -1.95 -23.94
CA PHE B 251 5.75 -0.98 -23.82
C PHE B 251 7.10 -1.64 -23.58
N ARG B 252 8.15 -0.86 -23.78
CA ARG B 252 9.51 -1.30 -23.56
C ARG B 252 10.35 -0.10 -23.19
N ILE B 253 11.01 -0.14 -22.05
CA ILE B 253 11.87 0.97 -21.64
C ILE B 253 13.35 0.65 -21.90
N LEU B 254 13.67 -0.61 -22.13
CA LEU B 254 15.03 -1.01 -22.46
C LEU B 254 15.33 -0.51 -23.87
N ASN B 255 16.34 0.35 -23.99
CA ASN B 255 16.64 1.04 -25.24
C ASN B 255 17.45 0.16 -26.18
N VAL B 256 16.80 -0.91 -26.65
CA VAL B 256 17.45 -1.97 -27.44
C VAL B 256 17.94 -1.48 -28.81
N ASP B 257 17.34 -0.42 -29.33
CA ASP B 257 17.76 0.17 -30.59
C ASP B 257 19.24 0.57 -30.49
N ASN B 258 19.59 1.21 -29.39
CA ASN B 258 20.96 1.64 -29.17
C ASN B 258 21.93 0.47 -29.30
N PRO B 259 22.96 0.61 -30.14
CA PRO B 259 23.98 -0.43 -30.36
C PRO B 259 24.74 -0.79 -29.09
N HIS B 260 25.12 0.20 -28.29
CA HIS B 260 25.89 -0.07 -27.08
C HIS B 260 25.05 -0.80 -26.03
N VAL B 261 23.75 -0.53 -25.98
CA VAL B 261 22.88 -1.27 -25.06
C VAL B 261 22.81 -2.72 -25.54
N SER B 262 22.58 -2.91 -26.83
CA SER B 262 22.48 -4.27 -27.37
C SER B 262 23.75 -5.06 -27.09
N ALA B 263 24.90 -4.41 -27.19
CA ALA B 263 26.15 -5.06 -26.85
C ALA B 263 26.09 -5.60 -25.42
N ILE B 264 25.63 -4.76 -24.48
CA ILE B 264 25.62 -5.11 -23.07
C ILE B 264 24.58 -6.19 -22.77
N VAL B 265 23.39 -6.05 -23.35
CA VAL B 265 22.31 -7.01 -23.14
C VAL B 265 22.79 -8.40 -23.52
N GLU B 266 23.68 -8.44 -24.50
CA GLU B 266 24.28 -9.68 -24.97
C GLU B 266 25.30 -10.24 -23.98
N LYS B 267 26.18 -9.40 -23.45
CA LYS B 267 27.16 -9.83 -22.47
C LYS B 267 26.44 -10.47 -21.29
N TRP B 268 25.38 -9.83 -20.83
CA TRP B 268 24.64 -10.29 -19.67
C TRP B 268 23.90 -11.60 -19.93
N SER B 269 23.24 -11.72 -21.07
CA SER B 269 22.43 -12.90 -21.35
C SER B 269 23.32 -14.12 -21.66
N MET B 270 24.61 -13.86 -21.92
CA MET B 270 25.59 -14.92 -22.07
C MET B 270 26.11 -15.35 -20.68
N GLU B 271 25.61 -14.70 -19.63
CA GLU B 271 25.95 -15.04 -18.25
C GLU B 271 24.70 -15.40 -17.46
N ARG B 272 23.53 -15.12 -18.02
CA ARG B 272 22.28 -15.60 -17.46
C ARG B 272 22.45 -17.05 -17.00
N ASP B 285 15.54 -15.92 -24.79
CA ASP B 285 16.63 -16.12 -25.75
C ASP B 285 17.48 -14.87 -25.92
N GLY B 286 18.58 -14.80 -25.17
CA GLY B 286 19.46 -13.64 -25.21
C GLY B 286 18.75 -12.35 -24.88
N VAL B 287 18.16 -12.29 -23.69
CA VAL B 287 17.35 -11.15 -23.28
C VAL B 287 17.78 -10.67 -21.88
N MET B 288 17.51 -9.40 -21.56
CA MET B 288 17.74 -8.92 -20.19
C MET B 288 16.51 -8.26 -19.61
N MET B 289 15.95 -8.86 -18.56
CA MET B 289 14.73 -8.33 -17.96
C MET B 289 14.96 -6.94 -17.35
N THR B 290 13.86 -6.28 -17.03
CA THR B 290 13.88 -4.90 -16.57
C THR B 290 14.57 -4.77 -15.21
N ASP B 291 14.27 -5.67 -14.30
CA ASP B 291 14.87 -5.65 -12.97
C ASP B 291 16.39 -5.65 -13.08
N ALA B 292 16.92 -6.62 -13.83
CA ALA B 292 18.34 -6.72 -13.95
C ALA B 292 18.91 -5.41 -14.56
N ALA B 293 18.32 -4.95 -15.65
CA ALA B 293 18.81 -3.75 -16.32
C ALA B 293 18.64 -2.46 -15.47
N LEU B 294 17.70 -2.44 -14.55
CA LEU B 294 17.45 -1.25 -13.75
C LEU B 294 18.43 -1.19 -12.60
N LEU B 295 18.83 -2.36 -12.14
CA LEU B 295 19.78 -2.49 -11.06
C LEU B 295 21.16 -2.10 -11.62
N TYR B 296 21.43 -2.56 -12.84
CA TYR B 296 22.64 -2.22 -13.56
C TYR B 296 22.75 -0.70 -13.76
N ASP B 297 21.63 -0.07 -14.11
CA ASP B 297 21.63 1.37 -14.26
C ASP B 297 21.76 2.09 -12.93
N ALA B 298 21.20 1.51 -11.86
CA ALA B 298 21.29 2.13 -10.54
C ALA B 298 22.73 2.14 -10.07
N VAL B 299 23.41 1.00 -10.20
CA VAL B 299 24.79 0.89 -9.74
C VAL B 299 25.70 1.83 -10.51
N HIS B 300 25.47 1.97 -11.81
CA HIS B 300 26.23 2.93 -12.58
C HIS B 300 25.95 4.35 -12.09
N ILE B 301 24.68 4.72 -12.02
CA ILE B 301 24.31 6.06 -11.60
C ILE B 301 25.01 6.43 -10.30
N VAL B 302 25.00 5.53 -9.33
CA VAL B 302 25.61 5.82 -8.04
C VAL B 302 27.13 5.97 -8.19
N SER B 303 27.74 5.07 -8.95
CA SER B 303 29.16 5.13 -9.20
C SER B 303 29.59 6.43 -9.87
N VAL B 304 28.84 6.83 -10.89
CA VAL B 304 29.14 8.00 -11.67
C VAL B 304 28.91 9.28 -10.87
N CYS B 305 27.96 9.24 -9.94
CA CYS B 305 27.69 10.42 -9.11
C CYS B 305 28.71 10.54 -8.01
N TYR B 306 29.34 9.43 -7.64
CA TYR B 306 30.44 9.46 -6.69
C TYR B 306 31.67 10.08 -7.36
N GLN B 307 32.09 9.49 -8.48
CA GLN B 307 33.17 10.05 -9.27
C GLN B 307 33.02 11.58 -9.45
N ARG B 308 31.82 12.01 -9.80
CA ARG B 308 31.57 13.40 -10.16
C ARG B 308 31.57 14.33 -8.96
N ALA B 309 31.13 13.83 -7.82
CA ALA B 309 31.05 14.66 -6.62
C ALA B 309 32.43 14.95 -6.06
N PRO B 310 32.50 15.87 -5.09
CA PRO B 310 33.74 16.18 -4.36
C PRO B 310 34.23 14.99 -3.55
N GLN B 311 35.43 15.13 -2.97
CA GLN B 311 36.01 14.08 -2.14
C GLN B 311 35.14 13.82 -0.92
N MET B 312 34.93 12.55 -0.61
CA MET B 312 34.20 12.17 0.58
C MET B 312 34.65 10.83 1.14
N THR B 313 34.36 10.61 2.41
CA THR B 313 34.81 9.42 3.12
C THR B 313 33.61 8.62 3.60
N VAL B 314 33.71 7.29 3.51
CA VAL B 314 32.71 6.40 4.10
C VAL B 314 32.90 6.32 5.62
N ASN B 315 31.82 6.13 6.35
CA ASN B 315 31.92 5.98 7.80
C ASN B 315 31.14 4.82 8.34
N SER B 316 31.65 4.20 9.39
CA SER B 316 30.86 3.25 10.15
C SER B 316 29.80 4.01 10.94
N LEU B 317 28.57 3.50 10.91
CA LEU B 317 27.47 4.16 11.57
C LEU B 317 26.64 3.16 12.34
N GLN B 318 26.15 3.57 13.51
CA GLN B 318 25.36 2.71 14.35
C GLN B 318 23.91 3.17 14.29
N CYS B 319 22.99 2.22 14.22
CA CYS B 319 21.58 2.56 14.20
C CYS B 319 21.06 2.88 15.59
N HIS B 320 21.82 2.48 16.61
CA HIS B 320 21.47 2.78 18.00
C HIS B 320 22.12 4.09 18.45
N ARG B 321 23.28 4.41 17.89
CA ARG B 321 23.91 5.71 18.14
C ARG B 321 23.04 6.75 17.46
N HIS B 322 23.56 7.96 17.27
CA HIS B 322 22.73 9.04 16.73
C HIS B 322 23.46 9.93 15.73
N LYS B 323 24.44 9.39 15.03
CA LYS B 323 25.27 10.17 14.12
C LYS B 323 24.89 9.90 12.66
N ALA B 324 24.69 10.95 11.87
CA ALA B 324 24.40 10.80 10.45
C ALA B 324 25.67 10.90 9.61
N TRP B 325 25.62 10.42 8.37
CA TRP B 325 26.76 10.48 7.47
C TRP B 325 27.03 11.95 7.09
N ARG B 326 28.27 12.39 7.28
CA ARG B 326 28.62 13.80 7.06
C ARG B 326 28.31 14.21 5.63
N PHE B 327 28.86 13.47 4.67
CA PHE B 327 28.75 13.79 3.26
C PHE B 327 27.44 13.28 2.64
N GLY B 328 26.58 12.69 3.47
CA GLY B 328 25.33 12.11 3.01
C GLY B 328 24.50 13.04 2.14
N GLY B 329 24.02 14.14 2.72
CA GLY B 329 23.23 15.13 2.01
C GLY B 329 23.86 15.58 0.69
N ARG B 330 25.17 15.81 0.71
CA ARG B 330 25.86 16.25 -0.50
C ARG B 330 25.74 15.17 -1.58
N PHE B 331 25.95 13.91 -1.20
CA PHE B 331 25.91 12.81 -2.17
C PHE B 331 24.49 12.67 -2.71
N MET B 332 23.51 12.70 -1.82
CA MET B 332 22.11 12.48 -2.17
C MET B 332 21.65 13.47 -3.24
N ASN B 333 22.17 14.69 -3.22
CA ASN B 333 21.74 15.66 -4.21
C ASN B 333 22.35 15.39 -5.56
N PHE B 334 23.59 14.90 -5.57
CA PHE B 334 24.22 14.48 -6.81
C PHE B 334 23.41 13.39 -7.46
N ILE B 335 22.93 12.45 -6.65
CA ILE B 335 22.14 11.36 -7.16
C ILE B 335 20.75 11.80 -7.66
N LYS B 336 20.10 12.76 -6.98
CA LYS B 336 18.77 13.22 -7.39
C LYS B 336 18.86 14.06 -8.66
N GLU B 337 19.95 14.79 -8.81
CA GLU B 337 20.15 15.69 -9.94
C GLU B 337 20.80 15.00 -11.12
N ALA B 338 21.04 13.69 -10.98
CA ALA B 338 21.78 12.94 -11.97
C ALA B 338 21.06 12.90 -13.30
N GLN B 339 21.85 12.89 -14.37
CA GLN B 339 21.32 12.67 -15.70
C GLN B 339 22.28 11.74 -16.43
N TRP B 340 21.74 10.67 -16.99
CA TRP B 340 22.57 9.55 -17.43
C TRP B 340 21.87 8.72 -18.49
N GLU B 341 22.56 8.43 -19.58
CA GLU B 341 22.02 7.53 -20.58
C GLU B 341 22.35 6.09 -20.18
N GLY B 342 21.39 5.40 -19.58
CA GLY B 342 21.59 4.03 -19.14
C GLY B 342 21.01 3.02 -20.10
N LEU B 343 21.01 1.74 -19.70
CA LEU B 343 20.39 0.70 -20.50
C LEU B 343 18.91 1.00 -20.72
N THR B 344 18.26 1.63 -19.73
CA THR B 344 16.82 1.90 -19.82
C THR B 344 16.55 3.31 -20.34
N GLY B 345 17.44 3.79 -21.19
CA GLY B 345 17.27 5.09 -21.82
C GLY B 345 17.81 6.25 -21.00
N ARG B 346 17.36 7.45 -21.30
CA ARG B 346 17.80 8.61 -20.52
C ARG B 346 17.16 8.50 -19.15
N ILE B 347 17.99 8.57 -18.12
CA ILE B 347 17.52 8.51 -16.76
C ILE B 347 17.59 9.89 -16.15
N VAL B 348 16.52 10.30 -15.50
CA VAL B 348 16.46 11.57 -14.81
C VAL B 348 15.38 11.47 -13.72
N PHE B 349 15.57 12.18 -12.61
CA PHE B 349 14.62 12.10 -11.50
C PHE B 349 13.97 13.43 -11.25
N ASN B 350 12.72 13.39 -10.81
CA ASN B 350 12.06 14.57 -10.27
C ASN B 350 12.88 15.01 -9.07
N LYS B 351 13.36 16.25 -9.09
CA LYS B 351 14.29 16.71 -8.06
C LYS B 351 13.63 16.75 -6.68
N THR B 352 12.35 17.10 -6.64
CA THR B 352 11.61 17.12 -5.39
C THR B 352 11.33 15.70 -4.85
N SER B 353 10.61 14.88 -5.63
CA SER B 353 10.14 13.57 -5.18
C SER B 353 11.15 12.39 -5.22
N GLY B 354 12.23 12.53 -5.97
CA GLY B 354 13.17 11.45 -6.17
C GLY B 354 12.63 10.31 -7.04
N LEU B 355 11.49 10.54 -7.67
CA LEU B 355 10.88 9.51 -8.51
C LEU B 355 11.13 9.74 -9.99
N ARG B 356 11.05 8.67 -10.78
CA ARG B 356 11.34 8.78 -12.20
C ARG B 356 10.05 8.99 -12.95
N THR B 357 9.66 10.25 -13.09
CA THR B 357 8.39 10.58 -13.73
C THR B 357 8.59 10.95 -15.19
N ASP B 358 9.81 11.34 -15.55
CA ASP B 358 10.14 11.60 -16.94
C ASP B 358 11.02 10.49 -17.53
N PHE B 359 10.57 9.91 -18.65
CA PHE B 359 11.31 8.84 -19.33
C PHE B 359 10.75 8.59 -20.74
N ASP B 360 11.47 7.81 -21.54
CA ASP B 360 11.02 7.45 -22.89
C ASP B 360 10.60 5.98 -23.01
N LEU B 361 9.46 5.76 -23.67
CA LEU B 361 9.00 4.41 -23.99
C LEU B 361 8.97 4.15 -25.48
N ASP B 362 9.45 2.98 -25.87
CA ASP B 362 9.22 2.43 -27.20
C ASP B 362 7.90 1.68 -27.17
N ILE B 363 7.04 1.90 -28.15
CA ILE B 363 5.80 1.12 -28.27
C ILE B 363 6.01 -0.04 -29.23
N ILE B 364 5.70 -1.24 -28.76
CA ILE B 364 5.90 -2.44 -29.57
C ILE B 364 4.58 -3.14 -29.86
N SER B 365 4.54 -3.91 -30.95
CA SER B 365 3.32 -4.63 -31.31
C SER B 365 3.63 -5.93 -32.05
N LEU B 366 2.71 -6.89 -31.96
CA LEU B 366 2.95 -8.22 -32.50
C LEU B 366 2.41 -8.36 -33.91
N LYS B 367 3.35 -8.43 -34.86
CA LYS B 367 3.06 -8.69 -36.26
C LYS B 367 3.49 -10.11 -36.60
N GLU B 368 3.30 -10.53 -37.84
CA GLU B 368 3.74 -11.85 -38.27
C GLU B 368 5.25 -11.96 -38.23
N ASP B 369 5.92 -10.91 -38.71
CA ASP B 369 7.39 -10.84 -38.68
C ASP B 369 7.93 -10.84 -37.26
N GLY B 370 7.01 -10.85 -36.29
CA GLY B 370 7.38 -10.82 -34.89
C GLY B 370 7.07 -9.48 -34.26
N LEU B 371 7.47 -9.34 -33.01
CA LEU B 371 7.23 -8.15 -32.21
C LEU B 371 8.07 -6.99 -32.74
N GLU B 372 7.50 -5.81 -32.90
CA GLU B 372 8.27 -4.68 -33.42
C GLU B 372 7.84 -3.29 -32.94
N LYS B 373 8.78 -2.36 -33.02
CA LYS B 373 8.57 -1.00 -32.54
C LYS B 373 7.77 -0.18 -33.55
N VAL B 374 6.57 0.19 -33.14
CA VAL B 374 5.69 0.99 -33.97
C VAL B 374 5.45 2.40 -33.39
N GLY B 375 6.42 2.91 -32.63
CA GLY B 375 6.32 4.25 -32.07
C GLY B 375 7.14 4.53 -30.81
N VAL B 376 6.85 5.65 -30.17
CA VAL B 376 7.53 6.10 -28.96
C VAL B 376 6.58 6.92 -28.10
N TRP B 377 6.97 7.19 -26.86
CA TRP B 377 6.13 8.00 -25.96
C TRP B 377 6.97 8.66 -24.88
N SER B 378 6.55 9.85 -24.46
CA SER B 378 7.17 10.52 -23.33
C SER B 378 6.14 11.47 -22.74
N PRO B 379 6.26 11.78 -21.45
CA PRO B 379 5.29 12.68 -20.83
C PRO B 379 5.18 14.02 -21.56
N ALA B 380 6.26 14.44 -22.22
CA ALA B 380 6.26 15.73 -22.91
C ALA B 380 5.51 15.68 -24.25
N ASP B 381 5.92 14.76 -25.12
CA ASP B 381 5.39 14.71 -26.48
C ASP B 381 4.19 13.78 -26.64
N GLY B 382 3.85 13.05 -25.58
CA GLY B 382 2.88 11.98 -25.71
C GLY B 382 3.29 11.01 -26.82
N LEU B 383 2.27 10.45 -27.47
CA LEU B 383 2.48 9.42 -28.49
C LEU B 383 3.00 9.99 -29.82
N ASN B 384 3.86 9.21 -30.49
CA ASN B 384 4.35 9.54 -31.84
C ASN B 384 4.52 8.25 -32.64
N ILE B 385 3.81 8.12 -33.76
CA ILE B 385 3.82 6.87 -34.51
C ILE B 385 4.39 7.03 -35.92
C1 NAG C . -16.37 -5.15 34.07
C2 NAG C . -17.42 -4.16 33.56
C3 NAG C . -18.55 -4.84 32.83
C4 NAG C . -18.02 -5.87 31.84
C5 NAG C . -17.00 -6.77 32.51
C6 NAG C . -16.46 -7.83 31.56
C7 NAG C . -17.66 -2.08 34.78
C8 NAG C . -18.65 -1.23 35.53
N2 NAG C . -17.95 -3.38 34.66
O3 NAG C . -19.28 -3.88 32.10
O4 NAG C . -19.09 -6.67 31.38
O5 NAG C . -15.94 -5.99 33.02
O6 NAG C . -16.02 -7.21 30.39
O7 NAG C . -16.64 -1.57 34.31
H2 NAG C . -16.94 -3.48 32.86
H3 NAG C . -19.21 -5.32 33.56
H4 NAG C . -17.58 -5.34 30.99
H5 NAG C . -17.48 -7.27 33.35
H61 NAG C . -17.25 -8.57 31.36
H62 NAG C . -15.63 -8.35 32.04
H81 NAG C . -19.03 -0.45 34.86
H82 NAG C . -18.17 -0.77 36.39
H83 NAG C . -19.48 -1.85 35.87
HN2 NAG C . -18.64 -3.80 35.27
HO3 NAG C . -18.88 -2.99 32.26
HO4 NAG C . -19.92 -6.37 31.80
HO6 NAG C . -16.16 -6.25 30.45
C1 NAG D . -34.14 10.72 -1.87
C2 NAG D . -33.98 10.16 -3.29
C3 NAG D . -35.35 9.92 -3.91
C4 NAG D . -36.23 9.10 -2.96
C5 NAG D . -36.25 9.77 -1.60
C6 NAG D . -37.21 9.10 -0.62
C7 NAG D . -32.27 10.62 -4.98
C8 NAG D . -31.55 11.65 -5.79
N2 NAG D . -33.18 11.06 -4.11
O3 NAG D . -35.23 9.23 -5.14
O4 NAG D . -37.55 9.03 -3.47
O5 NAG D . -34.92 9.84 -1.10
O6 NAG D . -36.56 8.35 0.38
O7 NAG D . -32.01 9.42 -5.15
H2 NAG D . -33.47 9.20 -3.23
H3 NAG D . -35.84 10.87 -4.08
H4 NAG D . -35.82 8.11 -2.88
H5 NAG D . -36.56 10.81 -1.72
H61 NAG D . -37.86 8.41 -1.17
H62 NAG D . -37.85 9.85 -0.15
H81 NAG D . -31.74 11.48 -6.86
H82 NAG D . -30.48 11.58 -5.61
H83 NAG D . -31.91 12.64 -5.52
HN2 NAG D . -33.31 12.06 -4.00
HO3 NAG D . -34.28 9.06 -5.32
HO4 NAG D . -37.59 9.51 -4.33
HO6 NAG D . -35.59 8.42 0.25
C1 NAG E . -11.03 -16.68 6.77
C2 NAG E . -12.00 -17.45 5.88
C3 NAG E . -11.33 -18.25 4.77
C4 NAG E . -10.17 -17.52 4.14
C5 NAG E . -9.27 -16.98 5.27
C6 NAG E . -7.97 -16.35 4.77
C7 NAG E . -14.09 -18.36 6.59
C8 NAG E . -14.78 -19.69 6.72
N2 NAG E . -12.78 -18.36 6.69
O3 NAG E . -12.28 -18.52 3.75
O4 NAG E . -9.45 -18.41 3.31
O5 NAG E . -10.01 -16.05 6.03
O6 NAG E . -8.20 -15.48 3.67
O7 NAG E . -14.73 -17.32 6.39
H2 NAG E . -12.68 -16.74 5.41
H3 NAG E . -10.99 -19.20 5.18
H4 NAG E . -10.55 -16.70 3.54
H5 NAG E . -9.02 -17.80 5.93
H61 NAG E . -7.28 -17.14 4.45
H62 NAG E . -7.50 -15.80 5.57
H81 NAG E . -15.34 -19.90 5.81
H82 NAG E . -15.47 -19.66 7.57
H83 NAG E . -14.03 -20.47 6.89
HN2 NAG E . -12.31 -19.14 7.13
HO3 NAG E . -13.14 -18.12 4.00
HO4 NAG E . -9.87 -19.29 3.34
HO6 NAG E . -9.16 -15.46 3.47
CL CL F . -6.93 -11.34 38.39
C1 NAG G . -6.63 -5.08 -34.54
C2 NAG G . -8.04 -4.57 -34.20
C3 NAG G . -8.76 -4.13 -35.48
C4 NAG G . -7.91 -3.09 -36.19
C5 NAG G . -6.50 -3.64 -36.42
C6 NAG G . -5.65 -2.60 -37.15
C7 NAG G . -9.66 -5.22 -32.50
C8 NAG G . -10.61 -6.27 -32.04
N2 NAG G . -8.78 -5.57 -33.44
O3 NAG G . -10.04 -3.59 -35.23
O4 NAG G . -8.50 -2.73 -37.41
O5 NAG G . -5.92 -4.05 -35.19
O6 NAG G . -4.30 -2.68 -36.79
O7 NAG G . -9.71 -4.08 -32.03
H2 NAG G . -7.95 -3.68 -33.58
H3 NAG G . -8.86 -5.00 -36.14
H4 NAG G . -7.85 -2.21 -35.54
H5 NAG G . -6.58 -4.53 -37.04
H61 NAG G . -6.02 -1.60 -36.91
H62 NAG G . -5.75 -2.75 -38.23
H81 NAG G . -11.64 -5.95 -32.23
H82 NAG G . -10.47 -6.44 -30.97
H83 NAG G . -10.42 -7.20 -32.58
HN2 NAG G . -8.73 -6.54 -33.74
HO3 NAG G . -10.22 -3.60 -34.27
HO4 NAG G . -9.33 -3.23 -37.53
HO6 NAG G . -4.17 -3.39 -36.13
C1 NAG H . 7.91 16.37 -8.74
C2 NAG H . 7.49 17.67 -9.43
C3 NAG H . 6.15 18.26 -8.97
C4 NAG H . 5.14 17.19 -8.58
C5 NAG H . 5.82 16.20 -7.65
C6 NAG H . 4.83 15.18 -7.08
C7 NAG H . 9.03 19.39 -10.16
C8 NAG H . 9.59 20.73 -9.78
N2 NAG H . 8.50 18.67 -9.18
O3 NAG H . 5.60 19.02 -10.03
O4 NAG H . 4.05 17.80 -7.91
O5 NAG H . 6.83 15.54 -8.38
O6 NAG H . 4.20 14.46 -8.11
O7 NAG H . 9.06 18.99 -11.32
H2 NAG H . 7.44 17.49 -10.50
H3 NAG H . 6.32 18.89 -8.11
H4 NAG H . 4.78 16.70 -9.48
H5 NAG H . 6.26 16.75 -6.83
H61 NAG H . 4.09 15.70 -6.48
H62 NAG H . 5.37 14.49 -6.43
H81 NAG H . 9.06 21.51 -10.34
H82 NAG H . 10.64 20.77 -10.03
H83 NAG H . 9.46 20.89 -8.71
HN2 NAG H . 8.84 18.78 -8.23
HO3 NAG H . 6.21 19.01 -10.79
HO4 NAG H . 4.21 18.76 -7.85
HO6 NAG H . 4.53 14.78 -8.98
CL CL I . 7.80 -17.39 -22.20
#